data_5JHL
#
_entry.id   5JHL
#
_cell.length_a   49.600
_cell.length_b   104.856
_cell.length_c   81.862
_cell.angle_alpha   90.00
_cell.angle_beta   102.70
_cell.angle_gamma   90.00
#
_symmetry.space_group_name_H-M   'P 1 21 1'
#
loop_
_entity.id
_entity.type
_entity.pdbx_description
1 polymer 'envelope protein'
2 polymer 'Antibody Heavy chain'
3 polymer 'antibody Light chain'
#
loop_
_entity_poly.entity_id
_entity_poly.type
_entity_poly.pdbx_seq_one_letter_code
_entity_poly.pdbx_strand_id
1 'polypeptide(L)'
;MIRCIGVSNRDFVEGMSGGTWVDVVLEHGGCVTVMAQDKPTVDIELVTTTVSNMAEVRSYCYEASISDMASDSRCPTQGE
AYLDKQSDTQYVCKRTLVDRGWGNGCGLFGKGSLVTCAKFACSKKMTGKSIQPENLEYRIMLSVHGSQHSGMIVNDTGHE
TDENRAKVEITPNSPRAEATLGGFGSLGLDCEPRTGLDFSDLYYLTMNNKHWLVHKEWFHDIPLPWHAGADTGTPHWNNK
EALVEFKDAHAKRQTVVVLGSQEGAVHTALAGALEAEMDGAKGRLSSGHLKCRLKMDKLRLKGVSYSLCTAAFTFTKIPA
ETLHGTVTVEVQYAGTDGPCKVPAQMAVDMQTLTPVGRLITANPVITESTENSKMMLELDPPFGDSYIVIGVGEKKITHH
WHRSGSTIGKHHHHHH
;
A
2 'polypeptide(L)'
;ASVLSEVQLQQSGPELVKPGASVKLSCKTSENTFTEYTMHWVKQSHGKSLEWIGGIDPNNGGTNYNQKFKGKATLTVDKS
SNTAYMELRSLTSEDSAVYYCGRRDYYALDYWGQGTSVTVASAKTTPPSVYPLAPGSAAQTNSMVTLGCLVKGYFPEPVT
VTWNSGSLSSGVHTFPAVLQSDLYTLSSSVTVPSSTWPSETVTCNVAHPASSTKVDKKIVPRDCGHHHHHH
;
H
3 'polypeptide(L)'
;EFDIVMTQSQKFMSTSVGDRVSITCKASQHVGSAVAWYQQKPGQSPTLLIHSASNRYTGVPDRFTGSGSGTDFTLTISNI
QSEDLADYFCQQYNSYPTFGGGTKLEIKRADAAPTVSIFPPSSEQLTSGGASVVCFLNNFYPKDINVKWKIDGSERQNGV
LNSWTDQDSKDSTYSMSSTLTLTKDEYERHNSYTCEATHKTSTSPIVKSFNRNECS
;
L
#
# COMPACT_ATOMS: atom_id res chain seq x y z
N ILE A 2 21.15 57.38 41.20
CA ILE A 2 20.19 58.27 40.57
C ILE A 2 19.46 57.57 39.42
N ARG A 3 18.13 57.68 39.39
CA ARG A 3 17.34 57.06 38.34
C ARG A 3 17.33 57.93 37.08
N CYS A 4 17.10 57.29 35.93
CA CYS A 4 16.95 57.96 34.65
C CYS A 4 18.19 58.74 34.20
N ILE A 5 19.34 58.34 34.74
CA ILE A 5 20.60 58.99 34.42
C ILE A 5 21.15 58.49 33.09
N GLY A 6 21.11 57.18 32.88
CA GLY A 6 21.64 56.58 31.68
C GLY A 6 20.58 55.79 30.93
N VAL A 7 19.33 55.89 31.41
CA VAL A 7 18.22 55.21 30.76
C VAL A 7 17.89 55.91 29.45
N SER A 8 17.80 55.14 28.37
CA SER A 8 17.55 55.68 27.05
C SER A 8 16.11 56.16 26.91
N ASN A 9 15.18 55.22 26.79
CA ASN A 9 13.77 55.55 26.67
C ASN A 9 13.22 56.23 27.92
N ARG A 10 13.54 57.50 28.10
CA ARG A 10 13.04 58.27 29.23
C ARG A 10 11.95 59.24 28.82
N ASP A 11 11.38 59.93 29.81
CA ASP A 11 10.31 60.90 29.57
C ASP A 11 10.09 61.76 30.80
N PHE A 12 10.81 62.87 30.89
CA PHE A 12 10.71 63.78 32.04
C PHE A 12 9.43 64.61 32.01
N VAL A 13 8.29 63.93 32.06
CA VAL A 13 7.00 64.60 32.05
C VAL A 13 6.81 65.41 33.34
N GLU A 14 6.23 66.59 33.19
CA GLU A 14 6.05 67.50 34.32
C GLU A 14 4.86 67.13 35.21
N GLY A 15 4.43 68.09 36.01
CA GLY A 15 3.33 67.89 36.93
C GLY A 15 2.78 69.21 37.46
N MET A 16 1.65 69.13 38.15
CA MET A 16 1.03 70.31 38.74
C MET A 16 1.41 70.41 40.21
N SER A 17 1.61 71.64 40.66
CA SER A 17 2.02 71.94 42.02
C SER A 17 0.84 72.27 42.93
N GLY A 18 0.47 71.32 43.77
CA GLY A 18 -0.69 71.48 44.65
C GLY A 18 -1.84 70.58 44.22
N GLY A 19 -2.08 70.54 42.91
CA GLY A 19 -3.07 69.64 42.34
C GLY A 19 -2.42 68.35 41.89
N THR A 20 -2.82 67.24 42.51
CA THR A 20 -2.15 65.96 42.31
C THR A 20 -2.73 65.11 41.19
N TRP A 21 -2.66 65.60 39.96
CA TRP A 21 -3.15 64.85 38.80
C TRP A 21 -2.28 65.06 37.57
N VAL A 22 -1.61 63.99 37.15
CA VAL A 22 -0.77 64.06 35.96
C VAL A 22 -1.09 62.93 34.99
N ASP A 23 -0.87 63.19 33.71
CA ASP A 23 -1.00 62.16 32.69
C ASP A 23 0.27 61.34 32.62
N VAL A 24 0.23 60.14 33.18
CA VAL A 24 1.41 59.28 33.22
C VAL A 24 1.27 58.04 32.36
N VAL A 25 1.69 58.16 31.10
CA VAL A 25 1.86 56.99 30.25
C VAL A 25 3.03 56.20 30.81
N LEU A 26 2.98 54.88 30.69
CA LEU A 26 4.03 54.04 31.24
C LEU A 26 4.39 52.91 30.30
N GLU A 27 5.66 52.84 29.90
CA GLU A 27 6.12 51.80 28.99
C GLU A 27 7.07 50.82 29.68
N HIS A 28 7.28 49.67 29.05
CA HIS A 28 8.17 48.67 29.62
C HIS A 28 9.62 49.06 29.41
N GLY A 29 10.34 49.27 30.51
CA GLY A 29 11.75 49.62 30.44
C GLY A 29 11.94 51.10 30.13
N GLY A 30 11.22 51.95 30.86
CA GLY A 30 11.30 53.37 30.65
C GLY A 30 11.42 54.16 31.94
N CYS A 31 10.97 55.41 31.90
CA CYS A 31 11.02 56.29 33.05
C CYS A 31 10.07 57.47 32.88
N VAL A 32 9.45 57.90 33.98
CA VAL A 32 8.62 59.09 33.98
C VAL A 32 8.93 59.97 35.19
N THR A 33 9.97 60.80 35.07
CA THR A 33 10.37 61.69 36.17
C THR A 33 9.31 62.74 36.46
N VAL A 34 8.35 62.40 37.31
CA VAL A 34 7.28 63.32 37.66
C VAL A 34 7.59 64.10 38.92
N MET A 35 8.17 65.29 38.76
CA MET A 35 8.38 66.18 39.89
C MET A 35 7.05 66.79 40.32
N ALA A 36 7.12 67.71 41.28
CA ALA A 36 5.91 68.35 41.79
C ALA A 36 6.23 69.63 42.53
N GLN A 37 5.32 70.01 43.43
CA GLN A 37 5.41 71.25 44.18
C GLN A 37 6.51 71.23 45.23
N ASP A 38 6.15 71.71 46.42
CA ASP A 38 6.98 71.62 47.61
C ASP A 38 7.02 70.17 48.13
N LYS A 39 7.12 69.23 47.19
CA LYS A 39 7.13 67.81 47.45
C LYS A 39 8.32 67.22 46.70
N PRO A 40 8.86 66.08 47.17
CA PRO A 40 10.06 65.59 46.48
C PRO A 40 9.75 65.14 45.06
N THR A 41 10.67 65.42 44.13
CA THR A 41 10.55 64.93 42.77
C THR A 41 10.48 63.40 42.77
N VAL A 42 9.73 62.85 41.83
CA VAL A 42 9.36 61.43 41.87
C VAL A 42 9.55 60.71 40.54
N ASP A 43 10.07 59.50 40.59
CA ASP A 43 10.21 58.66 39.40
C ASP A 43 9.25 57.49 39.43
N ILE A 44 8.33 57.45 38.46
CA ILE A 44 7.42 56.33 38.28
C ILE A 44 7.83 55.50 37.08
N GLU A 45 8.27 54.27 37.32
CA GLU A 45 8.72 53.40 36.24
C GLU A 45 8.00 52.06 36.23
N LEU A 46 7.34 51.77 35.12
CA LEU A 46 6.69 50.48 34.89
C LEU A 46 7.72 49.42 34.49
N VAL A 47 8.09 48.56 35.43
CA VAL A 47 9.17 47.60 35.17
C VAL A 47 8.68 46.27 34.61
N THR A 48 7.70 45.65 35.28
CA THR A 48 7.28 44.29 34.95
C THR A 48 5.86 44.27 34.40
N THR A 49 5.58 43.28 33.55
CA THR A 49 4.23 42.94 33.14
C THR A 49 4.06 41.42 33.15
N THR A 50 3.22 40.94 34.06
CA THR A 50 3.07 39.50 34.25
C THR A 50 1.66 39.03 33.86
N VAL A 51 1.47 37.71 33.86
CA VAL A 51 0.22 37.10 33.48
C VAL A 51 0.22 35.68 34.04
N SER A 52 -0.65 35.47 35.02
CA SER A 52 -0.77 34.20 35.69
C SER A 52 -2.13 33.65 35.34
N ASN A 53 -2.28 32.34 35.49
CA ASN A 53 -3.52 31.67 35.09
C ASN A 53 -3.78 31.70 33.59
N MET A 54 -2.73 31.60 32.80
CA MET A 54 -2.89 31.52 31.35
C MET A 54 -3.55 30.21 30.94
N ALA A 55 -4.76 30.32 30.40
CA ALA A 55 -5.52 29.15 30.00
C ALA A 55 -5.02 28.60 28.66
N GLU A 56 -4.88 27.29 28.59
CA GLU A 56 -4.43 26.65 27.35
C GLU A 56 -5.45 26.78 26.23
N VAL A 57 -5.01 27.29 25.08
CA VAL A 57 -5.85 27.33 23.91
C VAL A 57 -5.63 26.08 23.06
N ARG A 58 -4.37 25.71 22.87
CA ARG A 58 -4.08 24.49 22.11
C ARG A 58 -2.76 23.82 22.49
N SER A 59 -2.55 22.62 21.98
CA SER A 59 -1.29 21.91 22.17
C SER A 59 -0.98 21.09 20.93
N TYR A 60 0.19 21.31 20.34
CA TYR A 60 0.60 20.55 19.16
C TYR A 60 1.62 19.47 19.52
N CYS A 61 1.40 18.26 19.01
CA CYS A 61 2.34 17.17 19.22
C CYS A 61 3.45 17.25 18.19
N TYR A 62 4.70 17.39 18.63
CA TYR A 62 5.81 17.49 17.68
C TYR A 62 6.68 16.22 17.68
N GLU A 63 6.36 15.30 18.59
CA GLU A 63 7.01 13.99 18.58
C GLU A 63 5.98 12.94 18.96
N ALA A 64 5.61 12.09 18.01
CA ALA A 64 4.53 11.15 18.24
C ALA A 64 5.02 9.73 18.47
N SER A 65 4.19 8.95 19.17
CA SER A 65 4.47 7.54 19.37
C SER A 65 3.40 6.69 18.67
N ILE A 66 3.86 5.65 17.98
CA ILE A 66 2.99 4.77 17.22
C ILE A 66 2.66 3.52 18.04
N SER A 67 1.38 3.18 18.14
CA SER A 67 0.97 2.02 18.94
C SER A 67 0.25 0.97 18.10
N ASP A 68 -0.33 -0.01 18.79
CA ASP A 68 -0.92 -1.23 18.20
C ASP A 68 -1.70 -0.99 16.92
N MET A 69 -1.43 -1.81 15.89
CA MET A 69 -2.00 -1.57 14.58
C MET A 69 -2.54 -2.83 13.91
N ALA A 70 -3.53 -2.65 13.03
CA ALA A 70 -4.20 -3.77 12.38
C ALA A 70 -4.16 -3.66 10.85
N SER A 71 -5.00 -4.46 10.20
CA SER A 71 -5.12 -4.48 8.74
C SER A 71 -6.23 -5.44 8.27
N ASP A 72 -7.44 -4.92 8.09
CA ASP A 72 -8.55 -5.73 7.58
C ASP A 72 -8.62 -5.68 6.06
N SER A 73 -8.57 -6.84 5.42
CA SER A 73 -8.64 -6.90 3.97
C SER A 73 -9.79 -7.79 3.49
N ARG A 74 -10.30 -7.50 2.30
CA ARG A 74 -11.36 -8.28 1.68
C ARG A 74 -10.94 -8.73 0.28
N CYS A 75 -11.60 -9.76 -0.23
CA CYS A 75 -11.38 -10.19 -1.61
C CYS A 75 -12.19 -9.29 -2.54
N PRO A 76 -11.91 -9.31 -3.85
CA PRO A 76 -12.76 -8.52 -4.76
C PRO A 76 -14.20 -9.04 -4.73
N THR A 77 -15.16 -8.14 -4.95
CA THR A 77 -16.59 -8.47 -4.94
C THR A 77 -17.03 -9.09 -3.61
N GLN A 78 -16.37 -8.69 -2.52
CA GLN A 78 -16.66 -9.22 -1.20
C GLN A 78 -17.06 -8.12 -0.22
N GLY A 79 -17.17 -6.90 -0.73
CA GLY A 79 -17.54 -5.77 0.10
C GLY A 79 -16.36 -4.96 0.58
N GLU A 80 -16.60 -4.08 1.55
CA GLU A 80 -15.53 -3.27 2.11
C GLU A 80 -15.06 -3.84 3.43
N ALA A 81 -13.85 -3.50 3.81
CA ALA A 81 -13.27 -3.98 5.05
C ALA A 81 -13.56 -3.02 6.20
N TYR A 82 -13.41 -3.50 7.42
CA TYR A 82 -13.64 -2.68 8.60
C TYR A 82 -12.97 -3.30 9.83
N LEU A 83 -12.32 -2.47 10.63
CA LEU A 83 -11.63 -2.91 11.83
C LEU A 83 -12.41 -2.58 13.08
N ASP A 84 -11.97 -3.14 14.21
CA ASP A 84 -12.59 -2.87 15.51
C ASP A 84 -12.53 -1.37 15.83
N LYS A 85 -11.33 -0.87 16.05
CA LYS A 85 -11.13 0.49 16.50
C LYS A 85 -11.06 1.49 15.35
N GLN A 86 -12.09 1.50 14.51
CA GLN A 86 -12.21 2.54 13.49
C GLN A 86 -12.84 3.77 14.11
N SER A 87 -14.00 3.57 14.72
CA SER A 87 -14.75 4.65 15.36
C SER A 87 -14.01 5.17 16.59
N ASP A 88 -13.01 4.42 17.04
CA ASP A 88 -12.19 4.83 18.17
C ASP A 88 -11.40 6.09 17.83
N THR A 89 -11.61 7.14 18.62
CA THR A 89 -11.02 8.44 18.36
C THR A 89 -9.52 8.48 18.67
N GLN A 90 -9.01 7.43 19.30
CA GLN A 90 -7.59 7.35 19.60
C GLN A 90 -6.83 6.65 18.49
N TYR A 91 -7.53 6.41 17.38
CA TYR A 91 -6.94 5.67 16.27
C TYR A 91 -7.00 6.45 14.97
N VAL A 92 -5.94 6.35 14.18
CA VAL A 92 -5.91 6.93 12.84
C VAL A 92 -5.91 5.80 11.82
N CYS A 93 -6.73 5.93 10.79
CA CYS A 93 -6.93 4.87 9.80
C CYS A 93 -6.79 5.37 8.37
N LYS A 94 -6.59 4.43 7.45
CA LYS A 94 -6.47 4.77 6.03
C LYS A 94 -6.94 3.64 5.12
N ARG A 95 -8.06 3.85 4.43
CA ARG A 95 -8.65 2.86 3.54
C ARG A 95 -8.04 2.95 2.14
N THR A 96 -7.84 1.81 1.50
CA THR A 96 -7.31 1.76 0.14
C THR A 96 -7.69 0.45 -0.58
N LEU A 97 -7.43 0.42 -1.89
CA LEU A 97 -7.73 -0.76 -2.69
C LEU A 97 -6.43 -1.42 -3.16
N VAL A 98 -6.35 -2.74 -3.04
CA VAL A 98 -5.12 -3.46 -3.35
C VAL A 98 -5.32 -4.52 -4.42
N ASP A 99 -4.24 -4.90 -5.09
CA ASP A 99 -4.24 -6.03 -5.99
C ASP A 99 -4.55 -7.31 -5.23
N ARG A 100 -5.60 -8.01 -5.63
CA ARG A 100 -5.95 -9.29 -5.06
C ARG A 100 -6.04 -10.35 -6.16
N GLY A 101 -5.64 -11.58 -5.83
CA GLY A 101 -5.68 -12.68 -6.77
C GLY A 101 -5.34 -13.99 -6.09
N TRP A 102 -4.97 -14.99 -6.88
CA TRP A 102 -4.63 -16.31 -6.33
C TRP A 102 -3.34 -16.29 -5.53
N GLY A 103 -2.58 -15.20 -5.66
CA GLY A 103 -1.33 -15.06 -4.96
C GLY A 103 -1.52 -14.77 -3.49
N ASN A 104 -2.30 -13.74 -3.18
CA ASN A 104 -2.54 -13.33 -1.80
C ASN A 104 -3.30 -14.39 -1.02
N GLY A 105 -4.44 -14.80 -1.54
CA GLY A 105 -5.29 -15.75 -0.86
C GLY A 105 -6.73 -15.49 -1.23
N CYS A 106 -6.93 -15.05 -2.47
CA CYS A 106 -8.26 -14.79 -2.99
C CYS A 106 -8.52 -15.57 -4.26
N GLY A 107 -9.73 -16.09 -4.39
CA GLY A 107 -10.12 -16.89 -5.55
C GLY A 107 -10.26 -16.04 -6.80
N LEU A 108 -10.77 -14.83 -6.64
CA LEU A 108 -11.00 -13.92 -7.75
C LEU A 108 -9.90 -12.88 -7.87
N PHE A 109 -9.67 -12.41 -9.09
CA PHE A 109 -8.68 -11.36 -9.33
C PHE A 109 -9.35 -10.00 -9.41
N GLY A 110 -8.71 -8.98 -8.84
CA GLY A 110 -9.23 -7.64 -8.92
C GLY A 110 -8.68 -6.72 -7.85
N LYS A 111 -9.51 -5.78 -7.42
CA LYS A 111 -9.11 -4.84 -6.37
C LYS A 111 -9.92 -5.12 -5.11
N GLY A 112 -9.23 -5.61 -4.09
CA GLY A 112 -9.86 -5.90 -2.82
C GLY A 112 -9.68 -4.77 -1.84
N SER A 113 -10.64 -4.64 -0.93
CA SER A 113 -10.61 -3.60 0.10
C SER A 113 -9.51 -3.83 1.12
N LEU A 114 -9.02 -2.75 1.73
CA LEU A 114 -8.07 -2.86 2.83
C LEU A 114 -8.15 -1.60 3.70
N VAL A 115 -8.25 -1.79 5.01
CA VAL A 115 -8.26 -0.65 5.92
C VAL A 115 -7.26 -0.91 7.04
N THR A 116 -6.40 0.07 7.28
CA THR A 116 -5.34 -0.06 8.28
C THR A 116 -5.49 1.00 9.36
N CYS A 117 -5.44 0.58 10.62
CA CYS A 117 -5.57 1.51 11.73
C CYS A 117 -4.38 1.44 12.68
N ALA A 118 -4.19 2.48 13.47
CA ALA A 118 -3.12 2.51 14.47
C ALA A 118 -3.47 3.44 15.62
N LYS A 119 -2.95 3.14 16.82
CA LYS A 119 -3.24 3.95 18.00
C LYS A 119 -2.21 5.04 18.16
N PHE A 120 -2.68 6.25 18.45
CA PHE A 120 -1.85 7.44 18.50
C PHE A 120 -1.43 7.81 19.92
N ALA A 121 -0.15 8.12 20.11
CA ALA A 121 0.34 8.64 21.39
C ALA A 121 1.20 9.89 21.18
N CYS A 122 1.40 10.65 22.25
CA CYS A 122 2.23 11.85 22.18
C CYS A 122 3.40 11.80 23.15
N SER A 123 4.60 11.78 22.59
CA SER A 123 5.83 11.77 23.36
C SER A 123 6.15 13.16 23.90
N LYS A 124 6.07 14.15 23.01
CA LYS A 124 6.32 15.54 23.39
C LYS A 124 5.35 16.47 22.69
N LYS A 125 4.66 17.31 23.46
CA LYS A 125 3.80 18.33 22.89
C LYS A 125 4.20 19.72 23.39
N MET A 126 3.94 20.72 22.57
CA MET A 126 4.20 22.11 22.93
C MET A 126 2.87 22.85 23.03
N THR A 127 2.77 23.82 23.93
CA THR A 127 1.46 24.40 24.26
C THR A 127 1.32 25.89 23.98
N GLY A 128 0.18 26.26 23.39
CA GLY A 128 -0.17 27.65 23.18
C GLY A 128 -1.25 28.11 24.13
N LYS A 129 -0.91 29.11 24.94
CA LYS A 129 -1.82 29.66 25.95
C LYS A 129 -2.24 31.10 25.61
N SER A 130 -3.39 31.54 26.14
CA SER A 130 -3.93 32.85 25.82
C SER A 130 -3.58 33.92 26.86
N ILE A 131 -3.88 35.17 26.52
CA ILE A 131 -3.58 36.31 27.38
C ILE A 131 -4.81 37.19 27.58
N GLN A 132 -5.42 37.11 28.76
CA GLN A 132 -6.58 37.93 29.08
C GLN A 132 -6.18 39.16 29.90
N PRO A 133 -6.94 40.27 29.78
CA PRO A 133 -6.60 41.47 30.55
C PRO A 133 -6.75 41.24 32.06
N GLU A 134 -7.52 40.22 32.43
CA GLU A 134 -7.65 39.83 33.83
C GLU A 134 -6.34 39.23 34.33
N ASN A 135 -5.63 38.51 33.45
CA ASN A 135 -4.34 37.95 33.80
C ASN A 135 -3.34 39.03 34.13
N LEU A 136 -3.09 39.89 33.15
CA LEU A 136 -2.08 40.96 33.21
C LEU A 136 -1.93 41.59 34.59
N GLU A 137 -0.69 41.84 34.98
CA GLU A 137 -0.41 42.46 36.26
C GLU A 137 0.88 43.28 36.19
N TYR A 138 0.79 44.54 36.63
CA TYR A 138 1.89 45.47 36.42
C TYR A 138 2.65 45.81 37.70
N ARG A 139 3.87 45.30 37.82
CA ARG A 139 4.73 45.69 38.94
C ARG A 139 5.40 47.02 38.61
N ILE A 140 5.24 48.01 39.48
CA ILE A 140 5.69 49.37 39.21
C ILE A 140 6.59 49.94 40.33
N MET A 141 7.70 50.54 39.94
CA MET A 141 8.63 51.13 40.91
C MET A 141 8.44 52.64 41.06
N LEU A 142 8.50 53.11 42.31
CA LEU A 142 8.36 54.54 42.60
C LEU A 142 9.53 54.99 43.45
N SER A 143 10.34 55.91 42.92
CA SER A 143 11.54 56.37 43.61
C SER A 143 11.51 57.85 43.93
N VAL A 144 12.24 58.25 44.96
CA VAL A 144 12.46 59.66 45.23
C VAL A 144 13.62 60.15 44.38
N HIS A 145 13.37 61.13 43.53
CA HIS A 145 14.36 61.57 42.55
C HIS A 145 15.29 62.64 43.11
N ASN A 164 13.48 54.68 50.65
CA ASN A 164 14.07 54.85 49.32
C ASN A 164 13.04 54.76 48.19
N ARG A 165 13.04 53.61 47.52
CA ARG A 165 12.14 53.37 46.41
C ARG A 165 11.30 52.13 46.66
N ALA A 166 9.99 52.34 46.80
CA ALA A 166 9.07 51.23 47.05
C ALA A 166 8.52 50.67 45.74
N LYS A 167 8.13 49.39 45.77
CA LYS A 167 7.56 48.77 44.59
C LYS A 167 6.12 48.33 44.87
N VAL A 168 5.26 48.51 43.89
CA VAL A 168 3.84 48.16 44.02
C VAL A 168 3.41 47.23 42.90
N GLU A 169 2.19 46.71 43.00
CA GLU A 169 1.65 45.88 41.93
C GLU A 169 0.18 46.21 41.65
N ILE A 170 -0.09 46.58 40.41
CA ILE A 170 -1.45 46.85 39.99
C ILE A 170 -2.03 45.71 39.19
N THR A 171 -3.03 45.07 39.79
CA THR A 171 -3.83 44.07 39.12
C THR A 171 -5.11 44.75 38.68
N PRO A 172 -5.45 44.64 37.39
CA PRO A 172 -6.69 45.17 36.81
C PRO A 172 -7.93 44.86 37.66
N ASN A 173 -7.82 43.83 38.50
CA ASN A 173 -8.88 43.48 39.43
C ASN A 173 -8.78 44.29 40.73
N SER A 174 -7.69 45.05 40.88
CA SER A 174 -7.48 45.92 42.04
C SER A 174 -6.50 47.03 41.72
N PRO A 175 -6.95 48.03 40.93
CA PRO A 175 -6.05 49.07 40.40
C PRO A 175 -5.66 50.14 41.41
N ARG A 176 -5.76 49.85 42.71
CA ARG A 176 -5.39 50.81 43.74
C ARG A 176 -4.17 50.34 44.51
N ALA A 177 -3.16 51.21 44.60
CA ALA A 177 -1.92 50.87 45.30
C ALA A 177 -1.49 52.03 46.20
N GLU A 178 -0.71 51.71 47.22
CA GLU A 178 -0.16 52.75 48.09
C GLU A 178 1.21 52.35 48.62
N ALA A 179 2.23 53.08 48.20
CA ALA A 179 3.60 52.78 48.62
C ALA A 179 4.07 53.74 49.70
N THR A 180 4.97 53.27 50.54
CA THR A 180 5.60 54.13 51.53
C THR A 180 7.10 54.24 51.25
N LEU A 181 7.63 55.46 51.31
CA LEU A 181 9.05 55.68 51.07
C LEU A 181 9.68 56.52 52.16
N GLY A 182 10.42 55.86 53.06
CA GLY A 182 11.16 56.55 54.11
C GLY A 182 10.39 57.61 54.85
N GLY A 183 11.06 58.72 55.16
CA GLY A 183 10.44 59.85 55.84
C GLY A 183 9.80 60.81 54.87
N PHE A 184 9.43 60.30 53.70
CA PHE A 184 8.80 61.10 52.66
C PHE A 184 7.29 60.87 52.64
N GLY A 185 6.80 60.06 53.58
CA GLY A 185 5.39 59.76 53.65
C GLY A 185 4.98 58.64 52.71
N SER A 186 3.94 58.89 51.90
CA SER A 186 3.42 57.85 51.01
C SER A 186 2.93 58.37 49.67
N LEU A 187 2.94 57.48 48.68
CA LEU A 187 2.39 57.76 47.36
C LEU A 187 1.17 56.88 47.10
N GLY A 188 0.08 57.52 46.68
CA GLY A 188 -1.11 56.80 46.26
C GLY A 188 -1.04 56.51 44.77
N LEU A 189 -1.83 55.55 44.30
CA LEU A 189 -1.80 55.17 42.89
C LEU A 189 -3.14 54.56 42.46
N ASP A 190 -3.65 55.01 41.31
CA ASP A 190 -4.90 54.50 40.76
C ASP A 190 -4.84 54.54 39.23
N CYS A 191 -4.99 53.38 38.59
CA CYS A 191 -4.73 53.26 37.16
C CYS A 191 -5.73 52.41 36.37
N GLU A 192 -5.18 51.70 35.38
CA GLU A 192 -5.91 50.82 34.46
C GLU A 192 -6.77 51.61 33.48
N PRO A 193 -6.42 51.53 32.17
CA PRO A 193 -7.13 52.18 31.08
C PRO A 193 -7.98 51.19 30.30
N ARG A 194 -8.83 50.45 31.00
CA ARG A 194 -9.58 49.34 30.40
C ARG A 194 -8.64 48.42 29.65
N THR A 195 -8.97 48.11 28.41
CA THR A 195 -8.06 47.35 27.56
C THR A 195 -6.88 48.24 27.18
N GLY A 196 -5.82 48.22 28.00
CA GLY A 196 -4.59 48.95 27.70
C GLY A 196 -3.89 48.34 26.51
N LEU A 197 -2.61 48.03 26.64
CA LEU A 197 -1.92 47.30 25.59
C LEU A 197 -2.59 45.93 25.47
N ASP A 198 -3.62 45.87 24.65
CA ASP A 198 -4.49 44.70 24.61
C ASP A 198 -3.93 43.59 23.72
N PHE A 199 -3.61 42.46 24.34
CA PHE A 199 -3.14 41.28 23.62
C PHE A 199 -4.31 40.40 23.19
N SER A 200 -5.21 40.96 22.39
CA SER A 200 -6.36 40.21 21.89
C SER A 200 -5.84 39.06 21.03
N ASP A 201 -4.89 39.40 20.15
CA ASP A 201 -4.13 38.40 19.40
C ASP A 201 -3.07 37.84 20.33
N LEU A 202 -1.92 37.45 19.78
CA LEU A 202 -0.75 37.06 20.56
C LEU A 202 -0.95 35.90 21.53
N TYR A 203 -0.31 34.78 21.22
CA TYR A 203 -0.33 33.62 22.09
C TYR A 203 1.01 33.41 22.79
N TYR A 204 0.94 32.97 24.05
CA TYR A 204 2.10 32.57 24.80
C TYR A 204 2.41 31.11 24.49
N LEU A 205 3.35 30.89 23.58
CA LEU A 205 3.72 29.56 23.13
C LEU A 205 4.94 29.02 23.86
N THR A 206 4.72 28.07 24.76
CA THR A 206 5.82 27.41 25.45
C THR A 206 6.10 26.03 24.85
N MET A 207 7.34 25.82 24.43
CA MET A 207 7.70 24.54 23.89
C MET A 207 8.26 23.66 24.99
N ASN A 208 9.53 23.34 24.94
CA ASN A 208 10.10 22.44 25.92
C ASN A 208 9.93 23.13 27.23
N ASN A 209 10.91 23.97 27.40
CA ASN A 209 11.07 24.89 28.52
C ASN A 209 11.35 26.31 28.04
N LYS A 210 11.56 26.46 26.74
CA LYS A 210 11.72 27.79 26.15
C LYS A 210 10.36 28.33 25.71
N HIS A 211 10.19 29.64 25.86
CA HIS A 211 8.89 30.25 25.57
C HIS A 211 8.96 31.23 24.41
N TRP A 212 7.79 31.67 23.95
CA TRP A 212 7.70 32.55 22.79
C TRP A 212 6.38 33.31 22.81
N LEU A 213 6.33 34.41 22.08
CA LEU A 213 5.08 35.12 21.87
C LEU A 213 4.81 35.13 20.39
N VAL A 214 3.89 34.27 19.96
CA VAL A 214 3.64 34.13 18.53
C VAL A 214 2.29 34.73 18.17
N HIS A 215 2.03 34.89 16.88
CA HIS A 215 0.74 35.44 16.47
C HIS A 215 -0.32 34.35 16.38
N LYS A 216 -1.56 34.75 16.64
CA LYS A 216 -2.70 33.84 16.65
C LYS A 216 -2.79 33.01 15.38
N GLU A 217 -2.91 33.69 14.24
CA GLU A 217 -3.10 33.04 12.94
C GLU A 217 -2.02 32.01 12.63
N TRP A 218 -0.76 32.41 12.81
CA TRP A 218 0.37 31.54 12.55
C TRP A 218 0.30 30.27 13.40
N PHE A 219 -0.21 30.43 14.62
CA PHE A 219 -0.36 29.32 15.56
C PHE A 219 -1.50 28.39 15.16
N HIS A 220 -2.63 28.97 14.79
CA HIS A 220 -3.81 28.21 14.39
C HIS A 220 -3.57 27.45 13.08
N ASP A 221 -2.61 27.91 12.30
CA ASP A 221 -2.25 27.21 11.08
C ASP A 221 -0.87 26.55 11.18
N ILE A 222 -0.74 25.62 12.11
CA ILE A 222 0.48 24.85 12.27
C ILE A 222 0.25 23.39 11.87
N PRO A 223 1.05 22.89 10.93
CA PRO A 223 0.89 21.56 10.34
C PRO A 223 1.25 20.40 11.28
N LEU A 224 0.58 20.33 12.43
CA LEU A 224 0.82 19.27 13.40
C LEU A 224 -0.48 18.86 14.07
N PRO A 225 -0.50 17.65 14.67
CA PRO A 225 -1.66 17.22 15.45
C PRO A 225 -1.93 18.18 16.62
N TRP A 226 -3.17 18.23 17.11
CA TRP A 226 -3.53 19.17 18.16
C TRP A 226 -4.81 18.81 18.89
N HIS A 227 -4.94 19.25 20.15
CA HIS A 227 -6.21 19.16 20.86
C HIS A 227 -6.55 20.51 21.49
N ALA A 228 -7.78 20.63 22.00
CA ALA A 228 -8.30 21.92 22.45
C ALA A 228 -7.64 22.42 23.74
N GLY A 229 -8.34 22.27 24.87
CA GLY A 229 -7.90 22.85 26.13
C GLY A 229 -6.73 22.15 26.79
N ALA A 230 -6.91 21.79 28.06
CA ALA A 230 -5.86 21.13 28.84
C ALA A 230 -5.82 19.62 28.56
N ASP A 231 -5.66 18.87 29.62
CA ASP A 231 -5.72 17.46 29.49
C ASP A 231 -6.68 17.10 30.54
N THR A 232 -6.65 15.85 30.95
CA THR A 232 -7.63 15.38 31.90
C THR A 232 -7.53 13.90 31.84
N GLY A 233 -8.08 13.34 30.77
CA GLY A 233 -8.04 11.92 30.55
C GLY A 233 -7.89 11.71 29.07
N THR A 234 -6.65 11.81 28.61
CA THR A 234 -6.34 11.60 27.22
C THR A 234 -6.96 12.62 26.34
N PRO A 235 -6.05 13.39 25.63
CA PRO A 235 -6.68 14.40 24.78
C PRO A 235 -7.38 13.74 23.61
N HIS A 236 -7.38 14.41 22.47
CA HIS A 236 -8.03 13.94 21.28
C HIS A 236 -7.40 14.65 20.13
N TRP A 237 -6.15 14.36 19.86
CA TRP A 237 -5.50 15.08 18.77
C TRP A 237 -6.29 15.04 17.46
N ASN A 238 -6.22 16.14 16.72
CA ASN A 238 -6.82 16.25 15.41
C ASN A 238 -5.72 16.38 14.37
N ASN A 239 -5.99 15.95 13.14
CA ASN A 239 -4.98 15.92 12.08
C ASN A 239 -3.77 15.08 12.52
N LYS A 240 -4.05 13.87 13.01
CA LYS A 240 -3.02 12.96 13.49
C LYS A 240 -2.15 12.45 12.34
N GLU A 241 -2.68 12.51 11.13
CA GLU A 241 -1.95 12.03 9.95
C GLU A 241 -0.91 13.05 9.49
N ALA A 242 -0.63 14.03 10.33
CA ALA A 242 0.44 14.99 10.07
C ALA A 242 1.77 14.39 10.46
N LEU A 243 1.73 13.48 11.44
CA LEU A 243 2.92 12.79 11.90
C LEU A 243 2.86 11.30 11.62
N VAL A 244 1.78 10.87 10.98
CA VAL A 244 1.58 9.46 10.66
C VAL A 244 1.39 9.25 9.16
N GLU A 245 2.26 8.44 8.56
CA GLU A 245 2.19 8.18 7.13
C GLU A 245 1.93 6.71 6.84
N PHE A 246 0.91 6.44 6.05
CA PHE A 246 0.61 5.09 5.61
C PHE A 246 1.34 4.80 4.31
N LYS A 247 2.30 3.88 4.36
CA LYS A 247 3.15 3.60 3.21
C LYS A 247 2.97 2.19 2.65
N ASP A 248 2.72 2.13 1.35
CA ASP A 248 2.70 0.90 0.54
C ASP A 248 1.95 -0.30 1.12
N ALA A 249 0.73 -0.51 0.64
CA ALA A 249 -0.07 -1.67 1.02
C ALA A 249 0.51 -2.95 0.39
N HIS A 250 -0.14 -4.08 0.65
CA HIS A 250 0.29 -5.34 0.04
C HIS A 250 -0.90 -6.21 -0.38
N ALA A 251 -1.82 -6.48 0.53
CA ALA A 251 -2.95 -7.32 0.18
C ALA A 251 -3.67 -7.30 1.50
N LYS A 252 -2.88 -7.56 2.53
CA LYS A 252 -3.42 -7.47 3.84
C LYS A 252 -2.53 -6.70 4.77
N ARG A 253 -1.41 -6.17 4.31
CA ARG A 253 -0.54 -5.43 5.21
C ARG A 253 -0.04 -4.15 4.56
N GLN A 254 -0.38 -3.02 5.17
CA GLN A 254 0.06 -1.71 4.70
C GLN A 254 0.81 -1.10 5.87
N THR A 255 1.91 -0.42 5.59
CA THR A 255 2.81 -0.04 6.68
C THR A 255 2.47 1.34 7.27
N VAL A 256 2.87 1.56 8.52
CA VAL A 256 2.60 2.82 9.21
C VAL A 256 3.87 3.40 9.83
N VAL A 257 4.13 4.68 9.60
CA VAL A 257 5.38 5.28 10.06
C VAL A 257 5.20 6.66 10.70
N VAL A 258 5.93 6.89 11.80
CA VAL A 258 5.99 8.20 12.43
C VAL A 258 7.19 8.97 11.90
N LEU A 259 7.10 10.29 11.93
CA LEU A 259 8.04 11.14 11.21
C LEU A 259 9.24 11.60 12.05
N GLY A 260 9.39 11.03 13.24
CA GLY A 260 10.48 11.42 14.13
C GLY A 260 10.19 12.75 14.80
N SER A 261 11.02 13.09 15.78
CA SER A 261 10.83 14.33 16.54
C SER A 261 10.91 15.55 15.62
N GLN A 262 10.08 16.55 15.91
CA GLN A 262 10.01 17.74 15.08
C GLN A 262 10.36 19.02 15.85
N GLU A 263 11.37 18.92 16.72
CA GLU A 263 11.78 20.07 17.51
C GLU A 263 12.48 21.10 16.64
N GLY A 264 13.47 20.64 15.87
CA GLY A 264 14.25 21.52 15.01
C GLY A 264 13.41 22.16 13.92
N ALA A 265 12.41 21.41 13.44
CA ALA A 265 11.52 21.92 12.40
C ALA A 265 10.76 23.13 12.91
N VAL A 266 10.42 23.14 14.20
CA VAL A 266 9.76 24.28 14.82
C VAL A 266 10.77 25.39 15.12
N HIS A 267 11.91 25.00 15.69
CA HIS A 267 13.00 25.93 16.00
C HIS A 267 13.34 26.82 14.80
N THR A 268 13.44 26.20 13.63
CA THR A 268 13.81 26.92 12.42
C THR A 268 12.72 27.92 12.03
N ALA A 269 11.48 27.61 12.35
CA ALA A 269 10.36 28.46 11.98
C ALA A 269 10.16 29.58 12.99
N LEU A 270 10.69 29.38 14.19
CA LEU A 270 10.53 30.33 15.29
C LEU A 270 11.82 31.09 15.57
N ALA A 271 12.62 31.33 14.54
CA ALA A 271 13.87 32.03 14.70
C ALA A 271 13.65 33.53 14.96
N GLY A 272 12.38 33.96 14.87
CA GLY A 272 12.06 35.37 15.03
C GLY A 272 11.30 35.70 16.30
N ALA A 273 10.09 35.16 16.41
CA ALA A 273 9.10 35.52 17.45
C ALA A 273 9.66 36.03 18.79
N LEU A 274 9.08 37.13 19.27
CA LEU A 274 9.52 37.76 20.50
C LEU A 274 9.46 36.81 21.71
N GLU A 275 10.63 36.23 21.99
CA GLU A 275 10.85 35.30 23.08
C GLU A 275 10.33 35.83 24.39
N ALA A 276 10.19 34.98 25.37
CA ALA A 276 9.60 35.42 26.58
C ALA A 276 10.34 34.67 27.59
N GLU A 277 10.32 35.17 28.81
CA GLU A 277 10.97 34.49 29.87
C GLU A 277 9.88 34.24 30.81
N MET A 278 10.16 33.51 31.87
CA MET A 278 9.20 33.41 32.95
C MET A 278 9.90 33.00 34.23
N ASP A 279 9.14 33.04 35.33
CA ASP A 279 9.52 32.50 36.64
C ASP A 279 8.52 32.98 37.70
N GLY A 280 7.73 32.07 38.26
CA GLY A 280 7.73 30.67 37.85
C GLY A 280 6.30 30.25 37.58
N ALA A 281 6.03 29.84 36.34
CA ALA A 281 4.68 29.64 35.78
C ALA A 281 4.02 30.98 35.46
N LYS A 282 4.50 32.04 36.11
CA LYS A 282 4.11 33.39 35.74
C LYS A 282 4.98 33.86 34.59
N GLY A 283 4.36 34.25 33.48
CA GLY A 283 5.08 34.63 32.28
C GLY A 283 5.30 36.12 32.12
N ARG A 284 6.56 36.53 32.06
CA ARG A 284 6.87 37.94 31.86
C ARG A 284 6.89 38.32 30.40
N LEU A 285 6.27 39.44 30.06
CA LEU A 285 6.28 39.94 28.70
C LEU A 285 6.85 41.36 28.66
N SER A 286 7.58 41.66 27.59
CA SER A 286 8.15 42.99 27.41
C SER A 286 7.18 43.88 26.63
N SER A 287 6.20 44.41 27.37
CA SER A 287 5.24 45.38 26.85
C SER A 287 4.48 45.99 28.02
N GLY A 288 3.92 47.18 27.84
CA GLY A 288 3.24 47.83 28.94
C GLY A 288 2.02 48.67 28.60
N HIS A 289 2.25 49.97 28.50
CA HIS A 289 1.21 51.00 28.41
C HIS A 289 0.17 50.89 29.53
N LEU A 290 0.12 51.95 30.33
CA LEU A 290 -0.80 52.01 31.47
C LEU A 290 -1.02 53.46 31.89
N LYS A 291 -2.25 53.93 31.72
CA LYS A 291 -2.60 55.29 32.11
C LYS A 291 -2.88 55.35 33.60
N CYS A 292 -2.27 56.31 34.29
CA CYS A 292 -2.39 56.38 35.74
C CYS A 292 -2.77 57.77 36.25
N ARG A 293 -3.42 57.78 37.41
CA ARG A 293 -3.79 59.01 38.09
C ARG A 293 -3.51 58.85 39.58
N LEU A 294 -2.39 59.38 40.03
CA LEU A 294 -1.93 59.14 41.39
C LEU A 294 -2.04 60.38 42.27
N LYS A 295 -2.06 60.17 43.59
CA LYS A 295 -2.16 61.26 44.54
C LYS A 295 -1.03 61.22 45.55
N MET A 296 -0.46 62.38 45.84
CA MET A 296 0.67 62.46 46.76
C MET A 296 0.50 63.55 47.82
N ASP A 297 -0.59 63.50 48.56
CA ASP A 297 -0.82 64.43 49.65
C ASP A 297 0.03 64.02 50.84
N LYS A 298 0.03 62.72 51.13
CA LYS A 298 0.86 62.14 52.18
C LYS A 298 2.35 62.20 51.84
N LEU A 299 2.70 62.84 50.74
CA LEU A 299 4.10 63.12 50.45
C LEU A 299 4.57 64.23 51.39
N ARG A 300 5.72 64.00 52.01
CA ARG A 300 6.41 64.99 52.82
C ARG A 300 7.88 64.97 52.44
N LEU A 301 8.41 66.12 52.04
CA LEU A 301 9.80 66.21 51.61
C LEU A 301 10.63 65.27 52.50
N LYS A 302 10.98 65.76 53.68
CA LYS A 302 11.82 65.02 54.62
C LYS A 302 11.98 65.86 55.88
N GLY A 303 12.41 67.09 55.70
CA GLY A 303 12.53 68.03 56.79
C GLY A 303 13.03 69.34 56.23
N VAL A 304 12.10 70.29 56.07
CA VAL A 304 12.48 71.66 55.74
C VAL A 304 12.88 72.33 57.05
N SER A 305 13.26 71.48 58.01
CA SER A 305 13.78 71.89 59.31
C SER A 305 15.29 71.67 59.38
N TYR A 306 15.83 70.97 58.38
CA TYR A 306 17.28 70.89 58.21
C TYR A 306 17.84 72.30 58.07
N SER A 307 19.01 72.54 58.65
CA SER A 307 19.66 73.85 58.52
C SER A 307 20.45 73.90 57.22
N LEU A 308 20.51 75.08 56.60
CA LEU A 308 21.26 75.27 55.36
C LEU A 308 22.70 74.84 55.50
N CYS A 309 23.26 74.25 54.44
CA CYS A 309 24.66 73.84 54.46
C CYS A 309 25.57 75.05 54.55
N THR A 310 26.53 75.00 55.46
CA THR A 310 27.39 76.15 55.71
C THR A 310 28.75 76.02 55.01
N ALA A 311 29.25 74.78 54.90
CA ALA A 311 30.59 74.55 54.36
C ALA A 311 30.64 74.72 52.85
N ALA A 312 31.59 74.03 52.21
CA ALA A 312 31.83 74.19 50.79
C ALA A 312 31.59 72.90 50.02
N PHE A 313 31.80 72.96 48.71
CA PHE A 313 31.57 71.82 47.85
C PHE A 313 32.71 71.65 46.83
N THR A 314 32.55 70.68 45.93
CA THR A 314 33.55 70.41 44.90
C THR A 314 32.96 69.64 43.73
N PHE A 315 33.19 70.12 42.51
CA PHE A 315 32.74 69.43 41.30
C PHE A 315 33.54 68.15 41.06
N THR A 316 33.27 67.13 41.86
CA THR A 316 33.95 65.84 41.71
C THR A 316 33.70 65.22 40.34
N LYS A 317 32.59 65.61 39.71
CA LYS A 317 32.32 65.27 38.31
C LYS A 317 31.90 66.52 37.54
N ILE A 318 32.57 66.78 36.42
CA ILE A 318 32.31 67.97 35.61
C ILE A 318 30.87 67.95 35.08
N PRO A 319 30.13 69.03 35.33
CA PRO A 319 28.72 69.22 34.97
C PRO A 319 28.40 68.75 33.55
N ALA A 320 27.87 67.54 33.44
CA ALA A 320 27.60 66.93 32.15
C ALA A 320 26.13 67.03 31.78
N GLU A 321 25.86 67.08 30.48
CA GLU A 321 24.50 67.22 29.99
C GLU A 321 23.85 65.86 29.79
N THR A 322 22.53 65.82 30.00
CA THR A 322 21.75 64.65 29.63
C THR A 322 21.35 64.75 28.16
N LEU A 323 20.51 63.83 27.70
CA LEU A 323 20.04 63.85 26.32
C LEU A 323 18.71 64.59 26.24
N HIS A 324 18.11 64.80 27.41
CA HIS A 324 16.82 65.47 27.49
C HIS A 324 16.97 66.96 27.75
N GLY A 325 18.21 67.40 27.95
CA GLY A 325 18.52 68.82 28.13
C GLY A 325 18.91 69.18 29.55
N THR A 326 18.53 68.35 30.51
CA THR A 326 18.86 68.60 31.90
C THR A 326 20.33 68.32 32.16
N VAL A 327 20.84 68.80 33.30
CA VAL A 327 22.24 68.63 33.63
C VAL A 327 22.42 67.89 34.95
N THR A 328 23.27 66.88 34.93
CA THR A 328 23.64 66.16 36.14
C THR A 328 24.90 66.78 36.70
N VAL A 329 24.94 66.97 38.01
CA VAL A 329 26.05 67.66 38.66
C VAL A 329 26.43 66.95 39.95
N GLU A 330 27.73 66.73 40.14
CA GLU A 330 28.18 65.96 41.29
C GLU A 330 29.07 66.77 42.23
N VAL A 331 28.69 66.83 43.50
CA VAL A 331 29.37 67.64 44.50
C VAL A 331 29.92 66.81 45.66
N GLN A 332 30.86 67.38 46.40
CA GLN A 332 31.41 66.73 47.57
C GLN A 332 31.52 67.72 48.71
N TYR A 333 30.94 67.37 49.85
CA TYR A 333 30.76 68.30 50.95
C TYR A 333 31.74 68.05 52.09
N ALA A 334 32.58 69.05 52.37
CA ALA A 334 33.52 68.97 53.48
C ALA A 334 32.96 69.65 54.71
N GLY A 335 32.10 68.95 55.45
CA GLY A 335 31.49 69.53 56.63
C GLY A 335 30.86 68.57 57.61
N THR A 336 31.07 68.84 58.90
CA THR A 336 30.43 68.08 59.98
C THR A 336 28.94 68.39 60.02
N ASP A 337 28.60 69.56 59.50
CA ASP A 337 27.26 70.15 59.56
C ASP A 337 26.11 69.20 59.24
N GLY A 338 26.29 68.36 58.22
CA GLY A 338 25.25 67.44 57.77
C GLY A 338 24.67 66.60 58.90
N PRO A 339 23.39 66.19 58.77
CA PRO A 339 22.46 66.40 57.65
C PRO A 339 22.01 67.85 57.48
N CYS A 340 22.13 68.37 56.26
CA CYS A 340 21.81 69.77 55.99
C CYS A 340 21.21 69.97 54.59
N LYS A 341 20.53 71.09 54.39
CA LYS A 341 19.98 71.43 53.07
C LYS A 341 21.05 72.00 52.15
N VAL A 342 21.14 71.47 50.94
CA VAL A 342 22.09 71.97 49.96
C VAL A 342 21.58 73.24 49.29
N PRO A 343 22.36 74.33 49.38
CA PRO A 343 22.03 75.53 48.60
C PRO A 343 22.42 75.28 47.15
N ALA A 344 21.44 75.14 46.27
CA ALA A 344 21.74 74.87 44.86
C ALA A 344 20.76 75.59 43.94
N GLN A 345 21.28 76.40 43.04
CA GLN A 345 20.43 77.13 42.11
C GLN A 345 21.13 77.46 40.80
N MET A 346 20.51 78.34 40.03
CA MET A 346 21.09 78.87 38.79
C MET A 346 20.83 80.36 38.70
N ALA A 347 21.66 81.07 37.95
CA ALA A 347 21.48 82.51 37.80
C ALA A 347 22.09 83.06 36.52
N VAL A 348 21.49 84.13 36.02
CA VAL A 348 22.06 84.88 34.91
C VAL A 348 22.62 86.18 35.44
N ASP A 349 22.08 86.62 36.57
CA ASP A 349 22.47 87.87 37.20
C ASP A 349 23.83 87.75 37.86
N MET A 350 23.95 86.77 38.75
CA MET A 350 25.18 86.52 39.52
C MET A 350 25.59 87.70 40.40
N GLN A 351 24.79 88.76 40.40
CA GLN A 351 25.11 89.94 41.20
C GLN A 351 23.93 90.91 41.31
N THR A 352 22.93 90.62 42.14
CA THR A 352 22.79 89.41 42.97
C THR A 352 21.32 89.30 43.37
N LEU A 353 20.74 88.11 43.26
CA LEU A 353 21.41 86.94 42.74
C LEU A 353 20.35 85.87 42.52
N THR A 354 19.18 86.32 42.10
CA THR A 354 18.00 85.47 41.97
C THR A 354 18.19 84.27 41.04
N PRO A 355 17.33 83.28 41.22
CA PRO A 355 17.29 82.07 40.40
C PRO A 355 16.51 82.24 39.10
N VAL A 356 16.90 81.50 38.07
CA VAL A 356 16.24 81.57 36.77
C VAL A 356 15.55 80.27 36.41
N GLY A 357 16.32 79.19 36.35
CA GLY A 357 15.80 77.89 35.99
C GLY A 357 15.09 77.20 37.15
N ARG A 358 15.08 75.87 37.11
CA ARG A 358 14.42 75.08 38.15
C ARG A 358 15.27 73.87 38.54
N LEU A 359 15.01 73.32 39.72
CA LEU A 359 15.64 72.07 40.12
C LEU A 359 14.79 70.89 39.70
N ILE A 360 15.40 69.90 39.05
CA ILE A 360 14.71 68.63 38.86
C ILE A 360 14.79 67.88 40.18
N THR A 361 16.00 67.79 40.73
CA THR A 361 16.19 67.27 42.08
C THR A 361 15.82 68.35 43.08
N ALA A 362 14.52 68.54 43.29
CA ALA A 362 14.03 69.66 44.09
C ALA A 362 14.35 69.51 45.57
N ASN A 363 14.68 70.63 46.20
CA ASN A 363 14.94 70.71 47.64
C ASN A 363 15.93 69.66 48.14
N PRO A 364 17.16 69.70 47.60
CA PRO A 364 18.16 68.65 47.85
C PRO A 364 18.71 68.71 49.27
N VAL A 365 19.16 67.57 49.78
CA VAL A 365 19.64 67.45 51.15
C VAL A 365 20.83 66.50 51.27
N ILE A 366 21.89 66.97 51.93
CA ILE A 366 22.99 66.09 52.33
C ILE A 366 22.61 65.41 53.64
N THR A 367 22.69 64.08 53.67
CA THR A 367 22.28 63.34 54.85
C THR A 367 23.46 62.63 55.51
N GLU A 368 24.43 62.17 54.78
CA GLU A 368 25.53 61.59 55.50
C GLU A 368 26.02 62.64 56.47
N SER A 369 26.31 62.28 57.71
CA SER A 369 27.03 63.20 58.59
C SER A 369 28.44 63.25 58.04
N THR A 370 29.46 63.33 58.90
CA THR A 370 30.81 63.47 58.41
C THR A 370 31.13 62.38 57.41
N GLU A 371 32.16 62.57 56.58
CA GLU A 371 32.91 63.79 56.51
C GLU A 371 32.74 64.33 55.12
N ASN A 372 33.57 63.89 54.20
CA ASN A 372 33.48 64.41 52.86
C ASN A 372 32.49 63.71 52.01
N SER A 373 31.26 64.18 52.09
CA SER A 373 30.12 63.44 51.57
C SER A 373 29.66 63.87 50.18
N LYS A 374 29.61 62.92 49.24
CA LYS A 374 29.23 63.20 47.86
C LYS A 374 27.72 63.24 47.65
N MET A 375 27.30 63.85 46.53
CA MET A 375 25.89 63.96 46.16
C MET A 375 25.70 64.36 44.69
N MET A 376 24.71 63.75 44.04
CA MET A 376 24.36 64.12 42.66
C MET A 376 23.08 64.95 42.62
N LEU A 377 22.95 65.75 41.56
CA LEU A 377 21.83 66.68 41.40
C LEU A 377 21.44 66.80 39.93
N GLU A 378 20.14 66.90 39.64
CA GLU A 378 19.73 67.16 38.27
C GLU A 378 19.00 68.48 38.19
N LEU A 379 19.38 69.32 37.23
CA LEU A 379 18.82 70.66 37.12
C LEU A 379 18.39 70.96 35.69
N ASP A 380 17.37 71.81 35.53
CA ASP A 380 16.87 72.18 34.21
C ASP A 380 17.13 73.65 33.90
N PRO A 381 18.24 73.92 33.18
CA PRO A 381 18.70 75.29 32.89
C PRO A 381 17.82 76.03 31.88
N PRO A 382 17.77 77.36 31.98
CA PRO A 382 17.05 78.19 31.01
C PRO A 382 17.77 78.24 29.67
N PHE A 383 17.04 78.56 28.60
CA PHE A 383 17.63 78.63 27.26
C PHE A 383 18.76 79.65 27.23
N GLY A 384 19.94 79.21 26.78
CA GLY A 384 21.07 80.09 26.66
C GLY A 384 21.99 80.07 27.87
N ASP A 385 22.75 81.15 28.03
CA ASP A 385 23.77 81.24 29.07
C ASP A 385 23.18 81.33 30.47
N SER A 386 23.72 80.52 31.37
CA SER A 386 23.36 80.57 32.79
C SER A 386 24.50 79.98 33.60
N TYR A 387 24.55 80.30 34.89
CA TYR A 387 25.60 79.78 35.75
C TYR A 387 25.00 79.02 36.92
N ILE A 388 25.48 77.81 37.15
CA ILE A 388 24.98 76.98 38.24
C ILE A 388 25.78 77.25 39.51
N VAL A 389 25.04 77.39 40.61
CA VAL A 389 25.62 77.78 41.89
C VAL A 389 25.36 76.75 42.96
N ILE A 390 26.44 76.23 43.53
CA ILE A 390 26.35 75.26 44.62
C ILE A 390 27.03 75.80 45.88
N GLY A 391 26.23 76.08 46.91
CA GLY A 391 26.73 76.72 48.11
C GLY A 391 26.23 78.15 48.19
N VAL A 392 26.61 78.84 49.25
CA VAL A 392 26.16 80.21 49.45
C VAL A 392 27.32 81.14 49.83
N GLY A 393 27.32 82.34 49.24
CA GLY A 393 28.30 83.37 49.57
C GLY A 393 29.74 82.95 49.31
N GLU A 394 30.55 82.99 50.35
CA GLU A 394 31.96 82.63 50.24
C GLU A 394 32.11 81.14 49.99
N LYS A 395 33.13 80.76 49.23
CA LYS A 395 33.41 79.37 48.89
C LYS A 395 32.22 78.69 48.23
N LYS A 396 31.58 79.39 47.30
CA LYS A 396 30.48 78.83 46.53
C LYS A 396 30.97 78.43 45.14
N ILE A 397 30.39 77.36 44.59
CA ILE A 397 30.80 76.90 43.27
C ILE A 397 29.93 77.49 42.19
N THR A 398 30.55 77.90 41.10
CA THR A 398 29.82 78.36 39.94
C THR A 398 30.31 77.62 38.70
N HIS A 399 29.42 77.35 37.77
CA HIS A 399 29.86 76.82 36.46
C HIS A 399 28.97 77.32 35.32
N HIS A 400 29.61 77.75 34.24
CA HIS A 400 28.88 78.27 33.08
C HIS A 400 28.22 77.14 32.31
N TRP A 401 27.09 77.44 31.70
CA TRP A 401 26.34 76.45 30.96
C TRP A 401 25.42 77.09 29.92
N HIS A 402 25.53 76.62 28.69
CA HIS A 402 24.69 77.10 27.60
C HIS A 402 23.59 76.08 27.28
N ARG A 403 22.47 76.55 26.76
CA ARG A 403 21.37 75.65 26.43
C ARG A 403 20.85 75.88 25.00
N SER A 404 21.16 74.94 24.11
CA SER A 404 20.69 74.98 22.72
C SER A 404 21.08 76.28 22.02
N VAL B 7 -11.41 -36.61 -9.67
CA VAL B 7 -12.27 -35.70 -10.41
C VAL B 7 -13.55 -35.39 -9.63
N GLN B 8 -13.54 -34.27 -8.91
CA GLN B 8 -14.70 -33.85 -8.13
C GLN B 8 -15.55 -32.90 -8.95
N LEU B 9 -15.45 -33.01 -10.28
CA LEU B 9 -16.15 -32.10 -11.18
C LEU B 9 -16.76 -32.82 -12.38
N GLN B 10 -18.08 -32.80 -12.47
CA GLN B 10 -18.77 -33.41 -13.60
C GLN B 10 -19.21 -32.36 -14.61
N GLN B 11 -18.65 -32.43 -15.82
CA GLN B 11 -19.02 -31.50 -16.87
C GLN B 11 -20.05 -32.10 -17.81
N SER B 12 -20.75 -31.23 -18.53
CA SER B 12 -21.73 -31.64 -19.52
C SER B 12 -21.07 -32.38 -20.67
N GLY B 13 -21.87 -33.04 -21.49
CA GLY B 13 -21.35 -33.74 -22.66
C GLY B 13 -20.96 -32.79 -23.77
N PRO B 14 -20.37 -33.33 -24.84
CA PRO B 14 -19.92 -32.54 -26.00
C PRO B 14 -21.07 -31.78 -26.66
N GLU B 15 -20.78 -30.82 -27.53
CA GLU B 15 -21.82 -30.09 -28.23
C GLU B 15 -21.49 -29.91 -29.70
N LEU B 16 -22.53 -29.95 -30.53
CA LEU B 16 -22.43 -29.50 -31.91
C LEU B 16 -23.31 -28.28 -32.04
N VAL B 17 -22.72 -27.19 -32.52
CA VAL B 17 -23.41 -25.91 -32.58
C VAL B 17 -23.27 -25.33 -33.99
N LYS B 18 -24.37 -24.86 -34.55
CA LYS B 18 -24.31 -24.18 -35.84
C LYS B 18 -23.65 -22.81 -35.66
N PRO B 19 -22.79 -22.42 -36.60
CA PRO B 19 -22.08 -21.13 -36.53
C PRO B 19 -23.07 -19.99 -36.40
N GLY B 20 -22.87 -19.16 -35.38
CA GLY B 20 -23.81 -18.12 -35.05
C GLY B 20 -24.51 -18.42 -33.73
N ALA B 21 -24.95 -19.66 -33.56
CA ALA B 21 -25.74 -20.05 -32.38
C ALA B 21 -24.96 -19.91 -31.08
N SER B 22 -25.68 -20.02 -29.96
CA SER B 22 -25.07 -19.91 -28.65
C SER B 22 -25.18 -21.25 -27.93
N VAL B 23 -24.34 -21.48 -26.93
CA VAL B 23 -24.33 -22.74 -26.21
C VAL B 23 -24.07 -22.52 -24.72
N LYS B 24 -24.71 -23.31 -23.87
CA LYS B 24 -24.49 -23.21 -22.43
C LYS B 24 -23.91 -24.51 -21.86
N LEU B 25 -22.72 -24.40 -21.30
CA LEU B 25 -22.02 -25.53 -20.70
C LEU B 25 -22.23 -25.56 -19.19
N SER B 26 -22.14 -26.75 -18.61
CA SER B 26 -22.36 -26.94 -17.17
C SER B 26 -21.23 -27.71 -16.50
N CYS B 27 -21.05 -27.43 -15.22
CA CYS B 27 -20.07 -28.10 -14.38
C CYS B 27 -20.62 -28.23 -12.96
N LYS B 28 -20.51 -29.41 -12.36
CA LYS B 28 -21.10 -29.61 -11.04
C LYS B 28 -20.08 -30.10 -10.02
N THR B 29 -20.33 -29.78 -8.75
CA THR B 29 -19.35 -30.04 -7.69
C THR B 29 -19.96 -30.29 -6.32
N SER B 30 -19.08 -30.31 -5.31
CA SER B 30 -19.45 -30.26 -3.90
C SER B 30 -20.29 -31.43 -3.42
N GLU B 31 -19.65 -32.33 -2.68
CA GLU B 31 -20.37 -33.39 -1.99
C GLU B 31 -20.28 -33.19 -0.47
N ASN B 32 -20.07 -31.94 -0.07
CA ASN B 32 -20.05 -31.56 1.34
C ASN B 32 -20.25 -30.07 1.49
N THR B 33 -20.62 -29.64 2.70
CA THR B 33 -20.89 -28.23 2.96
C THR B 33 -19.61 -27.44 3.13
N PHE B 34 -19.06 -26.98 2.01
CA PHE B 34 -17.86 -26.16 2.02
C PHE B 34 -17.92 -25.18 0.86
N THR B 35 -18.62 -24.07 1.07
CA THR B 35 -18.91 -23.13 -0.01
C THR B 35 -17.78 -22.12 -0.28
N GLU B 36 -16.67 -22.25 0.45
CA GLU B 36 -15.54 -21.35 0.21
C GLU B 36 -14.57 -21.92 -0.81
N TYR B 37 -14.97 -21.85 -2.07
CA TYR B 37 -14.13 -22.25 -3.19
C TYR B 37 -14.51 -21.38 -4.38
N THR B 38 -13.83 -21.55 -5.51
CA THR B 38 -14.21 -20.81 -6.70
C THR B 38 -14.20 -21.67 -7.95
N MET B 39 -15.05 -21.32 -8.92
CA MET B 39 -15.13 -22.04 -10.17
C MET B 39 -14.53 -21.22 -11.29
N HIS B 40 -13.70 -21.82 -12.13
CA HIS B 40 -13.09 -21.11 -13.23
C HIS B 40 -13.24 -21.91 -14.52
N TRP B 41 -13.09 -21.25 -15.66
CA TRP B 41 -13.24 -21.93 -16.95
C TRP B 41 -12.00 -21.71 -17.83
N VAL B 42 -11.56 -22.78 -18.50
CA VAL B 42 -10.34 -22.73 -19.30
C VAL B 42 -10.52 -23.31 -20.69
N LYS B 43 -10.24 -22.50 -21.71
CA LYS B 43 -10.35 -22.96 -23.08
C LYS B 43 -9.05 -23.58 -23.57
N GLN B 44 -9.15 -24.76 -24.16
CA GLN B 44 -8.00 -25.39 -24.78
C GLN B 44 -8.29 -25.57 -26.27
N SER B 45 -7.71 -24.68 -27.06
CA SER B 45 -7.79 -24.74 -28.52
C SER B 45 -6.76 -25.72 -29.02
N HIS B 46 -6.86 -26.08 -30.30
CA HIS B 46 -5.87 -26.98 -30.88
C HIS B 46 -4.51 -26.29 -30.91
N GLY B 47 -3.46 -27.07 -30.81
CA GLY B 47 -2.13 -26.54 -30.56
C GLY B 47 -1.93 -26.57 -29.05
N LYS B 48 -2.80 -27.34 -28.40
CA LYS B 48 -2.88 -27.53 -26.94
C LYS B 48 -2.57 -26.30 -26.08
N SER B 49 -2.90 -25.11 -26.60
CA SER B 49 -2.67 -23.87 -25.87
C SER B 49 -3.80 -23.58 -24.89
N LEU B 50 -3.45 -23.38 -23.62
CA LEU B 50 -4.42 -23.14 -22.57
C LEU B 50 -4.78 -21.66 -22.53
N GLU B 51 -5.94 -21.33 -21.96
CA GLU B 51 -6.37 -19.94 -21.87
C GLU B 51 -7.48 -19.73 -20.85
N TRP B 52 -7.23 -18.84 -19.90
CA TRP B 52 -8.19 -18.59 -18.84
C TRP B 52 -9.31 -17.71 -19.34
N ILE B 53 -10.54 -18.14 -19.11
CA ILE B 53 -11.73 -17.46 -19.64
C ILE B 53 -12.39 -16.59 -18.59
N GLY B 54 -12.41 -17.07 -17.35
CA GLY B 54 -13.02 -16.31 -16.27
C GLY B 54 -13.35 -17.17 -15.08
N GLY B 55 -13.79 -16.54 -13.99
CA GLY B 55 -14.11 -17.26 -12.78
C GLY B 55 -15.41 -16.80 -12.17
N ILE B 56 -15.74 -17.37 -11.01
CA ILE B 56 -16.98 -17.08 -10.33
C ILE B 56 -17.01 -17.68 -8.93
N ASP B 57 -17.43 -16.86 -7.97
CA ASP B 57 -17.65 -17.28 -6.60
C ASP B 57 -19.08 -17.78 -6.50
N PRO B 58 -19.28 -19.00 -5.99
CA PRO B 58 -20.64 -19.54 -5.98
C PRO B 58 -21.50 -18.98 -4.83
N ASN B 59 -20.91 -18.13 -3.99
CA ASN B 59 -21.66 -17.46 -2.93
C ASN B 59 -22.38 -16.24 -3.47
N ASN B 60 -21.65 -15.14 -3.54
CA ASN B 60 -22.18 -13.86 -3.98
C ASN B 60 -22.39 -13.80 -5.49
N GLY B 61 -21.68 -14.66 -6.22
CA GLY B 61 -21.80 -14.70 -7.67
C GLY B 61 -20.76 -13.84 -8.36
N GLY B 62 -19.73 -13.46 -7.62
CA GLY B 62 -18.69 -12.59 -8.15
C GLY B 62 -17.97 -13.17 -9.35
N THR B 63 -18.19 -12.58 -10.52
CA THR B 63 -17.58 -13.06 -11.75
C THR B 63 -16.20 -12.44 -11.97
N ASN B 64 -15.63 -12.57 -13.16
CA ASN B 64 -14.33 -11.98 -13.42
C ASN B 64 -13.81 -12.54 -14.71
N TYR B 65 -14.03 -11.84 -15.79
CA TYR B 65 -13.81 -12.42 -17.10
C TYR B 65 -12.49 -12.03 -17.68
N ASN B 66 -11.88 -12.87 -18.51
CA ASN B 66 -10.74 -12.37 -19.27
C ASN B 66 -11.27 -11.41 -20.33
N GLN B 67 -10.58 -10.29 -20.50
CA GLN B 67 -11.01 -9.24 -21.44
C GLN B 67 -11.26 -9.80 -22.84
N LYS B 68 -10.47 -10.80 -23.22
CA LYS B 68 -10.60 -11.44 -24.51
C LYS B 68 -12.00 -12.05 -24.66
N PHE B 69 -12.56 -12.51 -23.56
CA PHE B 69 -13.83 -13.21 -23.59
C PHE B 69 -14.99 -12.39 -23.00
N LYS B 70 -14.80 -11.07 -22.92
CA LYS B 70 -15.88 -10.19 -22.51
C LYS B 70 -16.93 -10.11 -23.61
N GLY B 71 -18.16 -10.47 -23.27
CA GLY B 71 -19.24 -10.51 -24.23
C GLY B 71 -19.46 -11.91 -24.79
N LYS B 72 -18.36 -12.59 -25.11
CA LYS B 72 -18.43 -13.96 -25.60
C LYS B 72 -18.89 -14.93 -24.52
N ALA B 73 -18.37 -14.76 -23.32
CA ALA B 73 -18.68 -15.67 -22.21
C ALA B 73 -19.56 -15.02 -21.16
N THR B 74 -20.38 -15.84 -20.50
CA THR B 74 -21.21 -15.38 -19.39
C THR B 74 -21.35 -16.49 -18.35
N LEU B 75 -20.71 -16.29 -17.21
CA LEU B 75 -20.69 -17.30 -16.17
C LEU B 75 -21.80 -17.06 -15.15
N THR B 76 -22.61 -18.09 -14.91
CA THR B 76 -23.68 -17.98 -13.93
C THR B 76 -23.67 -19.19 -12.99
N VAL B 77 -24.21 -19.05 -11.79
CA VAL B 77 -24.08 -20.13 -10.82
C VAL B 77 -25.42 -20.50 -10.19
N ASP B 78 -25.62 -21.81 -10.01
CA ASP B 78 -26.77 -22.33 -9.30
C ASP B 78 -26.31 -22.90 -7.95
N LYS B 79 -26.49 -22.10 -6.90
CA LYS B 79 -25.97 -22.39 -5.56
C LYS B 79 -26.36 -23.75 -5.02
N SER B 80 -27.67 -23.96 -4.86
CA SER B 80 -28.23 -25.15 -4.23
C SER B 80 -27.81 -26.45 -4.91
N SER B 81 -27.77 -26.45 -6.24
CA SER B 81 -27.40 -27.64 -6.98
C SER B 81 -25.90 -27.76 -7.08
N ASN B 82 -25.19 -26.71 -6.64
CA ASN B 82 -23.75 -26.60 -6.82
C ASN B 82 -23.36 -26.73 -8.29
N THR B 83 -24.11 -26.08 -9.16
CA THR B 83 -23.87 -26.20 -10.59
C THR B 83 -23.51 -24.87 -11.25
N ALA B 84 -22.25 -24.76 -11.65
CA ALA B 84 -21.76 -23.62 -12.40
C ALA B 84 -22.09 -23.77 -13.89
N TYR B 85 -22.29 -22.63 -14.55
CA TYR B 85 -22.65 -22.58 -15.97
C TYR B 85 -21.79 -21.57 -16.70
N MET B 86 -21.41 -21.89 -17.93
CA MET B 86 -20.75 -20.91 -18.79
C MET B 86 -21.44 -20.86 -20.13
N GLU B 87 -21.94 -19.68 -20.50
CA GLU B 87 -22.63 -19.54 -21.77
C GLU B 87 -21.83 -18.74 -22.80
N LEU B 88 -21.60 -19.36 -23.94
CA LEU B 88 -20.99 -18.69 -25.09
C LEU B 88 -22.08 -18.16 -26.01
N ARG B 89 -21.72 -17.25 -26.92
CA ARG B 89 -22.69 -16.73 -27.88
C ARG B 89 -22.04 -16.24 -29.16
N SER B 90 -22.82 -16.26 -30.25
CA SER B 90 -22.33 -15.88 -31.58
C SER B 90 -21.02 -16.58 -31.94
N LEU B 91 -21.07 -17.91 -31.97
CA LEU B 91 -19.86 -18.72 -32.09
C LEU B 91 -19.30 -18.78 -33.51
N THR B 92 -17.99 -18.90 -33.60
CA THR B 92 -17.32 -19.15 -34.87
C THR B 92 -16.48 -20.42 -34.74
N SER B 93 -15.78 -20.79 -35.82
CA SER B 93 -14.97 -22.00 -35.82
C SER B 93 -13.81 -21.89 -34.84
N GLU B 94 -13.46 -20.65 -34.49
CA GLU B 94 -12.36 -20.42 -33.55
C GLU B 94 -12.88 -20.42 -32.13
N ASP B 95 -14.12 -20.86 -31.96
CA ASP B 95 -14.69 -21.12 -30.65
C ASP B 95 -14.79 -22.61 -30.42
N SER B 96 -14.45 -23.37 -31.45
CA SER B 96 -14.48 -24.83 -31.40
C SER B 96 -13.25 -25.36 -30.67
N ALA B 97 -13.45 -25.93 -29.48
CA ALA B 97 -12.33 -26.35 -28.64
C ALA B 97 -12.78 -27.13 -27.43
N VAL B 98 -11.82 -27.57 -26.62
CA VAL B 98 -12.16 -28.27 -25.38
C VAL B 98 -12.28 -27.28 -24.24
N TYR B 99 -13.44 -27.25 -23.59
CA TYR B 99 -13.64 -26.32 -22.48
C TYR B 99 -13.61 -27.04 -21.14
N TYR B 100 -12.51 -26.84 -20.42
CA TYR B 100 -12.36 -27.41 -19.09
C TYR B 100 -12.96 -26.49 -18.05
N CYS B 101 -13.40 -27.06 -16.93
CA CYS B 101 -13.77 -26.27 -15.77
C CYS B 101 -12.88 -26.67 -14.62
N GLY B 102 -12.51 -25.70 -13.79
CA GLY B 102 -11.59 -25.94 -12.70
C GLY B 102 -12.11 -25.38 -11.41
N ARG B 103 -11.65 -25.93 -10.28
CA ARG B 103 -12.08 -25.44 -8.99
C ARG B 103 -10.89 -25.10 -8.12
N ARG B 104 -10.87 -23.86 -7.61
CA ARG B 104 -9.84 -23.44 -6.68
C ARG B 104 -10.34 -23.59 -5.24
N ASP B 105 -9.57 -24.31 -4.43
CA ASP B 105 -9.86 -24.45 -3.02
C ASP B 105 -8.77 -23.81 -2.18
N TYR B 106 -7.53 -23.91 -2.66
CA TYR B 106 -6.38 -23.42 -1.91
C TYR B 106 -5.38 -22.69 -2.80
N TYR B 107 -5.15 -23.24 -3.98
CA TYR B 107 -4.06 -22.74 -4.81
C TYR B 107 -4.54 -22.32 -6.19
N ALA B 108 -3.89 -22.81 -7.25
CA ALA B 108 -4.23 -22.40 -8.60
C ALA B 108 -5.45 -23.18 -9.10
N LEU B 109 -5.33 -23.83 -10.25
CA LEU B 109 -6.38 -24.72 -10.73
C LEU B 109 -6.23 -26.08 -10.06
N ASP B 110 -6.94 -26.26 -8.95
CA ASP B 110 -6.76 -27.43 -8.09
C ASP B 110 -7.41 -28.72 -8.61
N TYR B 111 -8.53 -28.61 -9.30
CA TYR B 111 -9.27 -29.78 -9.78
C TYR B 111 -9.90 -29.50 -11.14
N TRP B 112 -9.68 -30.39 -12.09
CA TRP B 112 -10.17 -30.22 -13.45
C TRP B 112 -11.25 -31.26 -13.80
N GLY B 113 -12.22 -30.85 -14.62
CA GLY B 113 -13.18 -31.78 -15.17
C GLY B 113 -12.55 -32.44 -16.38
N GLN B 114 -13.29 -33.33 -17.04
CA GLN B 114 -12.74 -34.01 -18.21
C GLN B 114 -12.82 -33.11 -19.44
N GLY B 115 -13.61 -32.05 -19.33
CA GLY B 115 -13.74 -31.08 -20.40
C GLY B 115 -14.99 -31.32 -21.25
N THR B 116 -15.44 -30.28 -21.94
CA THR B 116 -16.53 -30.43 -22.89
C THR B 116 -16.05 -30.05 -24.29
N SER B 117 -16.05 -31.02 -25.19
CA SER B 117 -15.67 -30.75 -26.57
C SER B 117 -16.76 -29.96 -27.26
N VAL B 118 -16.43 -28.77 -27.73
CA VAL B 118 -17.39 -27.96 -28.46
C VAL B 118 -16.99 -27.85 -29.92
N THR B 119 -17.85 -28.34 -30.79
CA THR B 119 -17.65 -28.25 -32.23
C THR B 119 -18.67 -27.29 -32.83
N VAL B 120 -18.19 -26.18 -33.39
CA VAL B 120 -19.08 -25.19 -33.99
C VAL B 120 -19.05 -25.27 -35.51
N ALA B 121 -20.08 -25.89 -36.08
CA ALA B 121 -20.13 -26.10 -37.52
C ALA B 121 -21.54 -26.34 -38.03
N SER B 122 -21.77 -25.99 -39.29
CA SER B 122 -23.07 -26.24 -39.92
C SER B 122 -23.00 -27.50 -40.75
N ALA B 123 -23.17 -28.64 -40.09
CA ALA B 123 -23.14 -29.95 -40.71
C ALA B 123 -23.91 -30.95 -39.88
N LYS B 124 -24.54 -31.91 -40.53
CA LYS B 124 -25.41 -32.86 -39.84
C LYS B 124 -24.64 -33.77 -38.90
N THR B 125 -25.27 -34.15 -37.80
CA THR B 125 -24.68 -35.10 -36.86
C THR B 125 -24.77 -36.51 -37.44
N THR B 126 -23.62 -37.13 -37.69
CA THR B 126 -23.61 -38.45 -38.29
C THR B 126 -23.11 -39.49 -37.30
N PRO B 127 -23.90 -40.57 -37.12
CA PRO B 127 -23.51 -41.67 -36.22
C PRO B 127 -22.48 -42.58 -36.89
N PRO B 128 -21.60 -43.20 -36.08
CA PRO B 128 -20.51 -44.05 -36.57
C PRO B 128 -20.96 -45.46 -36.98
N SER B 129 -20.36 -45.98 -38.05
CA SER B 129 -20.50 -47.38 -38.40
C SER B 129 -19.46 -48.15 -37.60
N VAL B 130 -19.82 -49.30 -37.05
CA VAL B 130 -18.87 -50.09 -36.27
C VAL B 130 -18.65 -51.47 -36.88
N TYR B 131 -17.39 -51.85 -37.03
CA TYR B 131 -17.03 -53.12 -37.66
C TYR B 131 -16.00 -53.91 -36.86
N PRO B 132 -16.26 -55.21 -36.66
CA PRO B 132 -15.28 -56.05 -35.95
C PRO B 132 -14.10 -56.41 -36.84
N LEU B 133 -12.91 -56.50 -36.24
CA LEU B 133 -11.72 -56.83 -37.00
C LEU B 133 -11.02 -58.07 -36.46
N ALA B 134 -11.40 -59.23 -37.00
CA ALA B 134 -10.77 -60.50 -36.67
C ALA B 134 -9.74 -60.85 -37.74
N PRO B 135 -8.77 -61.73 -37.40
CA PRO B 135 -7.80 -62.21 -38.40
C PRO B 135 -8.48 -62.94 -39.55
N GLY B 136 -7.88 -62.86 -40.74
CA GLY B 136 -8.51 -63.36 -41.95
C GLY B 136 -8.08 -64.75 -42.38
N SER B 137 -7.96 -64.94 -43.70
CA SER B 137 -7.62 -66.23 -44.30
C SER B 137 -6.36 -66.82 -43.68
N ALA B 138 -6.51 -68.02 -43.12
CA ALA B 138 -5.47 -68.70 -42.35
C ALA B 138 -5.03 -67.85 -41.17
N ALA B 139 -5.53 -68.18 -39.99
CA ALA B 139 -5.26 -67.42 -38.78
C ALA B 139 -3.76 -67.33 -38.47
N GLN B 140 -3.04 -68.42 -38.70
CA GLN B 140 -1.61 -68.51 -38.41
C GLN B 140 -1.37 -68.11 -36.95
N THR B 141 -1.89 -68.92 -36.04
CA THR B 141 -1.95 -68.56 -34.63
C THR B 141 -0.60 -68.52 -33.92
N ASN B 142 -0.14 -67.30 -33.60
CA ASN B 142 1.02 -67.12 -32.76
C ASN B 142 0.64 -67.41 -31.30
N SER B 143 1.60 -67.24 -30.39
CA SER B 143 1.32 -67.41 -28.97
C SER B 143 0.40 -66.29 -28.49
N MET B 144 0.37 -65.20 -29.25
CA MET B 144 -0.49 -64.05 -28.96
C MET B 144 -1.46 -63.82 -30.12
N VAL B 145 -2.41 -62.92 -29.91
CA VAL B 145 -3.36 -62.54 -30.95
C VAL B 145 -3.82 -61.10 -30.77
N THR B 146 -4.21 -60.46 -31.87
CA THR B 146 -4.64 -59.08 -31.89
C THR B 146 -6.01 -58.92 -32.56
N LEU B 147 -6.92 -58.24 -31.88
CA LEU B 147 -8.23 -57.95 -32.45
C LEU B 147 -8.40 -56.45 -32.68
N GLY B 148 -9.35 -56.08 -33.53
CA GLY B 148 -9.56 -54.69 -33.86
C GLY B 148 -11.01 -54.24 -33.84
N CYS B 149 -11.21 -52.93 -33.67
CA CYS B 149 -12.54 -52.34 -33.69
C CYS B 149 -12.54 -51.12 -34.59
N LEU B 150 -13.36 -51.12 -35.64
CA LEU B 150 -13.33 -50.06 -36.63
C LEU B 150 -14.52 -49.11 -36.54
N VAL B 151 -14.26 -47.88 -36.14
CA VAL B 151 -15.28 -46.84 -36.03
C VAL B 151 -15.20 -45.90 -37.23
N LYS B 152 -16.04 -46.13 -38.23
CA LYS B 152 -15.94 -45.45 -39.52
C LYS B 152 -17.03 -44.41 -39.78
N GLY B 153 -16.63 -43.31 -40.41
CA GLY B 153 -17.55 -42.30 -40.92
C GLY B 153 -18.55 -41.71 -39.95
N TYR B 154 -18.05 -40.98 -38.96
CA TYR B 154 -18.92 -40.29 -38.02
C TYR B 154 -18.62 -38.81 -37.98
N PHE B 155 -19.53 -38.05 -37.38
CA PHE B 155 -19.31 -36.63 -37.13
C PHE B 155 -20.27 -36.13 -36.05
N PRO B 156 -19.75 -35.37 -35.07
CA PRO B 156 -18.33 -35.03 -34.96
C PRO B 156 -17.62 -35.79 -33.84
N GLU B 157 -16.32 -35.53 -33.67
CA GLU B 157 -15.60 -35.99 -32.50
C GLU B 157 -16.23 -35.37 -31.25
N PRO B 158 -16.07 -36.01 -30.08
CA PRO B 158 -15.32 -37.23 -29.80
C PRO B 158 -16.16 -38.51 -29.78
N VAL B 159 -15.47 -39.64 -29.71
CA VAL B 159 -16.09 -40.93 -29.44
C VAL B 159 -15.24 -41.67 -28.41
N THR B 160 -15.89 -42.42 -27.53
CA THR B 160 -15.16 -43.20 -26.53
C THR B 160 -15.19 -44.68 -26.86
N VAL B 161 -14.02 -45.31 -26.82
CA VAL B 161 -13.88 -46.72 -27.15
C VAL B 161 -13.17 -47.50 -26.05
N THR B 162 -13.87 -48.42 -25.40
CA THR B 162 -13.25 -49.28 -24.40
C THR B 162 -13.36 -50.75 -24.81
N TRP B 163 -12.86 -51.65 -23.98
CA TRP B 163 -12.90 -53.07 -24.31
C TRP B 163 -13.45 -53.90 -23.15
N ASN B 164 -14.44 -54.74 -23.48
CA ASN B 164 -15.20 -55.52 -22.51
C ASN B 164 -15.62 -54.68 -21.31
N SER B 165 -16.21 -53.52 -21.61
CA SER B 165 -16.70 -52.58 -20.61
C SER B 165 -15.62 -52.14 -19.63
N GLY B 166 -14.37 -52.19 -20.06
CA GLY B 166 -13.26 -51.72 -19.25
C GLY B 166 -12.38 -52.82 -18.69
N SER B 167 -12.92 -54.04 -18.63
CA SER B 167 -12.20 -55.20 -18.12
C SER B 167 -10.84 -55.37 -18.82
N LEU B 168 -10.85 -55.22 -20.13
CA LEU B 168 -9.61 -55.23 -20.91
C LEU B 168 -9.11 -53.80 -21.10
N SER B 169 -7.95 -53.50 -20.55
CA SER B 169 -7.42 -52.13 -20.61
C SER B 169 -5.90 -52.11 -20.47
N SER B 170 -5.24 -53.21 -20.83
CA SER B 170 -3.79 -53.27 -20.83
C SER B 170 -3.24 -52.99 -22.23
N GLY B 171 -3.12 -54.06 -23.02
CA GLY B 171 -2.71 -53.93 -24.40
C GLY B 171 -3.84 -53.42 -25.28
N VAL B 172 -4.14 -52.13 -25.13
CA VAL B 172 -5.22 -51.50 -25.88
C VAL B 172 -4.73 -50.19 -26.47
N HIS B 173 -5.05 -49.96 -27.74
CA HIS B 173 -4.67 -48.71 -28.38
C HIS B 173 -5.85 -48.11 -29.13
N THR B 174 -6.20 -46.88 -28.77
CA THR B 174 -7.17 -46.14 -29.57
C THR B 174 -6.43 -45.06 -30.35
N PHE B 175 -6.45 -45.19 -31.67
CA PHE B 175 -5.79 -44.24 -32.54
C PHE B 175 -6.60 -42.97 -32.66
N PRO B 176 -5.92 -41.82 -32.70
CA PRO B 176 -6.55 -40.54 -33.03
C PRO B 176 -7.45 -40.66 -34.25
N ALA B 177 -8.51 -39.86 -34.28
CA ALA B 177 -9.44 -39.88 -35.40
C ALA B 177 -8.91 -39.08 -36.58
N VAL B 178 -9.25 -39.50 -37.78
CA VAL B 178 -8.84 -38.79 -38.98
C VAL B 178 -10.07 -38.34 -39.78
N LEU B 179 -10.22 -37.03 -39.93
CA LEU B 179 -11.29 -36.45 -40.72
C LEU B 179 -11.05 -36.72 -42.20
N GLN B 180 -12.14 -36.98 -42.93
CA GLN B 180 -12.05 -37.16 -44.38
C GLN B 180 -13.44 -36.98 -45.02
N SER B 181 -13.55 -35.92 -45.82
CA SER B 181 -14.81 -35.53 -46.43
C SER B 181 -15.87 -35.28 -45.35
N ASP B 182 -15.55 -34.39 -44.42
CA ASP B 182 -16.39 -34.06 -43.27
C ASP B 182 -16.87 -35.27 -42.49
N LEU B 183 -15.99 -36.28 -42.37
CA LEU B 183 -16.31 -37.47 -41.60
C LEU B 183 -15.08 -37.96 -40.84
N TYR B 184 -15.21 -38.02 -39.52
CA TYR B 184 -14.15 -38.56 -38.68
C TYR B 184 -14.15 -40.08 -38.76
N THR B 185 -12.99 -40.69 -38.54
CA THR B 185 -12.86 -42.14 -38.55
C THR B 185 -11.67 -42.56 -37.70
N LEU B 186 -11.84 -43.62 -36.91
CA LEU B 186 -10.71 -44.15 -36.15
C LEU B 186 -10.84 -45.65 -35.95
N SER B 187 -9.75 -46.24 -35.48
CA SER B 187 -9.72 -47.67 -35.21
C SER B 187 -9.08 -47.91 -33.85
N SER B 188 -9.28 -49.11 -33.30
CA SER B 188 -8.67 -49.45 -32.02
C SER B 188 -8.17 -50.89 -31.99
N SER B 189 -6.92 -51.07 -31.59
CA SER B 189 -6.32 -52.39 -31.49
C SER B 189 -6.37 -52.91 -30.06
N VAL B 190 -6.37 -54.23 -29.92
CA VAL B 190 -6.31 -54.85 -28.60
C VAL B 190 -5.49 -56.14 -28.69
N THR B 191 -4.66 -56.38 -27.68
CA THR B 191 -3.78 -57.54 -27.68
C THR B 191 -4.12 -58.49 -26.54
N VAL B 192 -4.34 -59.76 -26.88
CA VAL B 192 -4.72 -60.78 -25.89
C VAL B 192 -4.05 -62.12 -26.22
N PRO B 193 -3.91 -63.02 -25.24
CA PRO B 193 -3.35 -64.35 -25.52
C PRO B 193 -4.27 -65.23 -26.36
N SER B 194 -3.68 -66.05 -27.22
CA SER B 194 -4.42 -66.89 -28.17
C SER B 194 -5.34 -67.90 -27.48
N SER B 195 -5.03 -68.27 -26.25
CA SER B 195 -5.82 -69.25 -25.51
C SER B 195 -7.24 -68.75 -25.26
N THR B 196 -7.37 -67.43 -25.12
CA THR B 196 -8.64 -66.82 -24.77
C THR B 196 -9.33 -66.16 -25.96
N TRP B 197 -8.98 -66.59 -27.17
CA TRP B 197 -9.68 -66.16 -28.37
C TRP B 197 -9.41 -67.13 -29.51
N PRO B 198 -10.47 -67.50 -30.25
CA PRO B 198 -11.86 -67.05 -30.10
C PRO B 198 -12.58 -67.73 -28.94
N SER B 199 -11.83 -68.47 -28.13
CA SER B 199 -12.35 -69.26 -27.02
C SER B 199 -13.01 -68.43 -25.92
N GLU B 200 -13.02 -67.11 -26.08
CA GLU B 200 -13.71 -66.25 -25.13
C GLU B 200 -14.46 -65.13 -25.85
N THR B 201 -15.12 -64.27 -25.07
CA THR B 201 -15.90 -63.18 -25.64
C THR B 201 -15.16 -61.85 -25.51
N VAL B 202 -14.86 -61.25 -26.65
CA VAL B 202 -14.18 -59.96 -26.67
C VAL B 202 -15.07 -58.93 -27.37
N THR B 203 -15.45 -57.89 -26.64
CA THR B 203 -16.39 -56.90 -27.17
C THR B 203 -15.80 -55.50 -27.09
N CYS B 204 -15.97 -54.72 -28.15
CA CYS B 204 -15.53 -53.34 -28.09
C CYS B 204 -16.73 -52.44 -27.84
N ASN B 205 -16.53 -51.47 -26.96
CA ASN B 205 -17.56 -50.52 -26.58
C ASN B 205 -17.34 -49.16 -27.21
N VAL B 206 -18.13 -48.85 -28.23
CA VAL B 206 -18.05 -47.58 -28.91
C VAL B 206 -19.22 -46.69 -28.50
N ALA B 207 -18.91 -45.44 -28.18
CA ALA B 207 -19.94 -44.47 -27.83
C ALA B 207 -19.70 -43.16 -28.56
N HIS B 208 -20.79 -42.56 -29.05
CA HIS B 208 -20.74 -41.28 -29.75
C HIS B 208 -21.85 -40.40 -29.21
N PRO B 209 -21.53 -39.58 -28.19
CA PRO B 209 -22.50 -38.77 -27.44
C PRO B 209 -23.21 -37.74 -28.29
N ALA B 210 -22.51 -37.21 -29.30
CA ALA B 210 -23.05 -36.17 -30.17
C ALA B 210 -24.29 -36.65 -30.92
N SER B 211 -24.29 -37.93 -31.30
CA SER B 211 -25.42 -38.50 -32.01
C SER B 211 -26.16 -39.52 -31.13
N SER B 212 -25.92 -39.44 -29.82
CA SER B 212 -26.53 -40.35 -28.85
C SER B 212 -26.37 -41.81 -29.28
N THR B 213 -25.21 -42.39 -28.99
CA THR B 213 -24.92 -43.71 -29.53
C THR B 213 -24.12 -44.60 -28.59
N LYS B 214 -24.68 -45.77 -28.29
CA LYS B 214 -23.93 -46.84 -27.65
C LYS B 214 -23.96 -48.03 -28.58
N VAL B 215 -22.81 -48.65 -28.80
CA VAL B 215 -22.76 -49.82 -29.68
C VAL B 215 -21.61 -50.74 -29.28
N ASP B 216 -21.90 -52.04 -29.21
CA ASP B 216 -20.91 -53.01 -28.78
C ASP B 216 -20.84 -54.21 -29.72
N LYS B 217 -19.87 -54.20 -30.63
CA LYS B 217 -19.65 -55.34 -31.50
C LYS B 217 -18.65 -56.29 -30.87
N LYS B 218 -18.94 -57.58 -30.99
CA LYS B 218 -18.05 -58.62 -30.51
C LYS B 218 -17.15 -59.10 -31.65
N ILE B 219 -15.97 -59.57 -31.31
CA ILE B 219 -15.04 -60.04 -32.33
C ILE B 219 -15.22 -61.53 -32.57
N VAL B 220 -15.44 -61.90 -33.83
CA VAL B 220 -15.76 -63.26 -34.20
C VAL B 220 -15.02 -63.66 -35.49
N PRO B 221 -14.41 -64.86 -35.48
CA PRO B 221 -13.57 -65.34 -36.60
C PRO B 221 -14.34 -65.60 -37.91
N ARG B 222 -14.99 -66.76 -38.02
CA ARG B 222 -15.64 -67.20 -39.26
C ARG B 222 -14.64 -67.26 -40.42
N PHE C 2 -3.20 -5.27 -17.77
CA PHE C 2 -2.43 -5.85 -18.85
C PHE C 2 -2.38 -7.37 -18.73
N ASP C 3 -1.81 -8.02 -19.73
CA ASP C 3 -1.66 -9.47 -19.71
C ASP C 3 -0.18 -9.83 -19.60
N ILE C 4 0.11 -10.99 -19.02
CA ILE C 4 1.50 -11.37 -18.76
C ILE C 4 1.94 -12.62 -19.52
N VAL C 5 2.82 -12.42 -20.51
CA VAL C 5 3.31 -13.51 -21.33
C VAL C 5 4.21 -14.47 -20.55
N MET C 6 3.84 -15.75 -20.58
CA MET C 6 4.69 -16.81 -20.04
C MET C 6 5.32 -17.59 -21.21
N THR C 7 6.64 -17.55 -21.31
CA THR C 7 7.30 -18.13 -22.46
C THR C 7 8.09 -19.38 -22.13
N GLN C 8 7.77 -20.46 -22.84
CA GLN C 8 8.54 -21.70 -22.81
C GLN C 8 9.20 -21.92 -24.16
N SER C 9 10.51 -21.74 -24.22
CA SER C 9 11.23 -21.81 -25.48
C SER C 9 11.18 -23.20 -26.10
N GLN C 10 11.17 -24.23 -25.25
CA GLN C 10 11.17 -25.61 -25.73
C GLN C 10 9.79 -26.09 -26.10
N LYS C 11 9.52 -26.20 -27.40
CA LYS C 11 8.28 -26.79 -27.88
C LYS C 11 8.27 -28.29 -27.56
N PHE C 12 9.45 -28.90 -27.69
CA PHE C 12 9.60 -30.32 -27.40
C PHE C 12 10.88 -30.55 -26.59
N MET C 13 10.94 -31.69 -25.90
CA MET C 13 12.14 -32.04 -25.14
C MET C 13 12.23 -33.54 -24.93
N SER C 14 13.40 -34.10 -25.23
CA SER C 14 13.59 -35.54 -25.18
C SER C 14 14.51 -36.00 -24.04
N THR C 15 14.30 -37.24 -23.62
CA THR C 15 15.04 -37.84 -22.51
C THR C 15 14.78 -39.34 -22.48
N SER C 16 15.47 -40.05 -21.58
CA SER C 16 15.22 -41.48 -21.38
C SER C 16 14.83 -41.74 -19.93
N VAL C 17 14.51 -43.00 -19.63
CA VAL C 17 14.16 -43.37 -18.27
C VAL C 17 15.34 -43.17 -17.31
N GLY C 18 15.06 -42.55 -16.16
CA GLY C 18 16.07 -42.41 -15.12
C GLY C 18 16.94 -41.17 -15.25
N ASP C 19 16.64 -40.35 -16.27
CA ASP C 19 17.37 -39.10 -16.47
C ASP C 19 16.65 -37.92 -15.83
N ARG C 20 17.17 -36.73 -16.05
CA ARG C 20 16.61 -35.52 -15.46
C ARG C 20 16.40 -34.44 -16.53
N VAL C 21 15.24 -33.80 -16.49
CA VAL C 21 14.93 -32.75 -17.46
C VAL C 21 14.54 -31.48 -16.73
N SER C 22 14.81 -30.33 -17.34
CA SER C 22 14.49 -29.05 -16.71
C SER C 22 13.83 -28.07 -17.70
N ILE C 23 12.50 -28.00 -17.65
CA ILE C 23 11.75 -27.11 -18.52
C ILE C 23 11.75 -25.68 -17.97
N THR C 24 12.01 -24.71 -18.84
CA THR C 24 12.15 -23.32 -18.42
C THR C 24 10.98 -22.45 -18.86
N CYS C 25 10.37 -21.79 -17.89
CA CYS C 25 9.29 -20.85 -18.14
C CYS C 25 9.76 -19.44 -17.80
N LYS C 26 9.66 -18.54 -18.77
CA LYS C 26 10.10 -17.17 -18.61
C LYS C 26 8.94 -16.19 -18.66
N ALA C 27 8.63 -15.58 -17.53
CA ALA C 27 7.60 -14.55 -17.48
C ALA C 27 8.18 -13.25 -17.99
N SER C 28 7.41 -12.54 -18.82
CA SER C 28 7.86 -11.27 -19.37
C SER C 28 7.89 -10.19 -18.29
N GLN C 29 7.02 -10.33 -17.30
CA GLN C 29 6.94 -9.37 -16.20
C GLN C 29 7.06 -10.08 -14.86
N HIS C 30 7.41 -9.32 -13.82
CA HIS C 30 7.61 -9.89 -12.49
C HIS C 30 6.32 -10.45 -11.90
N VAL C 31 6.35 -11.74 -11.55
CA VAL C 31 5.17 -12.40 -10.98
C VAL C 31 5.48 -13.04 -9.62
N GLY C 32 6.69 -12.79 -9.11
CA GLY C 32 7.08 -13.25 -7.79
C GLY C 32 7.16 -14.76 -7.65
N SER C 33 6.26 -15.33 -6.86
CA SER C 33 6.18 -16.78 -6.71
C SER C 33 4.78 -17.28 -7.05
N ALA C 34 4.04 -16.47 -7.79
CA ALA C 34 2.68 -16.83 -8.17
C ALA C 34 2.69 -17.64 -9.47
N VAL C 35 3.38 -18.78 -9.43
CA VAL C 35 3.51 -19.66 -10.58
C VAL C 35 3.11 -21.10 -10.22
N ALA C 36 2.37 -21.72 -11.12
CA ALA C 36 1.96 -23.11 -10.99
C ALA C 36 2.41 -23.90 -12.22
N TRP C 37 2.51 -25.21 -12.07
CA TRP C 37 2.81 -26.09 -13.21
C TRP C 37 1.71 -27.13 -13.37
N TYR C 38 1.55 -27.61 -14.60
CA TYR C 38 0.49 -28.54 -14.92
C TYR C 38 0.98 -29.65 -15.84
N GLN C 39 0.73 -30.89 -15.42
CA GLN C 39 0.95 -32.04 -16.29
C GLN C 39 -0.34 -32.43 -16.98
N GLN C 40 -0.27 -32.67 -18.28
CA GLN C 40 -1.41 -33.25 -18.97
C GLN C 40 -0.98 -34.41 -19.84
N LYS C 41 -1.32 -35.61 -19.40
CA LYS C 41 -1.15 -36.80 -20.22
C LYS C 41 -2.19 -36.75 -21.34
N PRO C 42 -1.84 -37.25 -22.54
CA PRO C 42 -2.74 -37.28 -23.70
C PRO C 42 -4.08 -37.96 -23.41
N GLY C 43 -5.18 -37.32 -23.82
CA GLY C 43 -6.50 -37.85 -23.57
C GLY C 43 -7.07 -37.47 -22.23
N GLN C 44 -6.19 -37.32 -21.24
CA GLN C 44 -6.60 -36.90 -19.90
C GLN C 44 -6.64 -35.37 -19.80
N SER C 45 -7.16 -34.89 -18.68
CA SER C 45 -7.21 -33.46 -18.41
C SER C 45 -6.02 -33.04 -17.53
N PRO C 46 -5.59 -31.78 -17.64
CA PRO C 46 -4.44 -31.28 -16.86
C PRO C 46 -4.58 -31.49 -15.34
N THR C 47 -3.44 -31.52 -14.66
CA THR C 47 -3.41 -31.69 -13.21
C THR C 47 -2.38 -30.77 -12.56
N LEU C 48 -2.65 -30.33 -11.34
CA LEU C 48 -1.72 -29.49 -10.59
C LEU C 48 -0.52 -30.29 -10.07
N LEU C 49 0.69 -29.84 -10.42
CA LEU C 49 1.92 -30.45 -9.94
C LEU C 49 2.59 -29.60 -8.86
N ILE C 50 3.05 -28.43 -9.27
CA ILE C 50 3.74 -27.49 -8.40
C ILE C 50 2.94 -26.19 -8.27
N HIS C 51 2.96 -25.58 -7.11
CA HIS C 51 2.33 -24.31 -6.99
C HIS C 51 3.13 -23.46 -6.06
N SER C 52 2.90 -22.17 -6.04
CA SER C 52 3.74 -21.28 -5.28
C SER C 52 5.10 -21.19 -5.87
N ALA C 53 5.26 -21.77 -7.05
CA ALA C 53 6.51 -21.73 -7.75
C ALA C 53 7.53 -22.75 -7.44
N SER C 54 7.44 -23.36 -6.29
CA SER C 54 8.30 -24.51 -5.99
C SER C 54 7.67 -25.59 -5.10
N ASN C 55 6.54 -25.27 -4.48
CA ASN C 55 5.85 -26.23 -3.61
C ASN C 55 4.92 -27.17 -4.40
N ARG C 56 5.19 -28.46 -4.30
CA ARG C 56 4.43 -29.45 -5.07
C ARG C 56 3.09 -29.84 -4.43
N TYR C 57 2.15 -30.21 -5.29
CA TYR C 57 0.78 -30.50 -4.92
C TYR C 57 0.68 -31.92 -4.40
N THR C 58 -0.46 -32.27 -3.81
CA THR C 58 -0.65 -33.60 -3.21
C THR C 58 -0.47 -34.71 -4.24
N GLY C 59 0.06 -35.86 -3.81
CA GLY C 59 0.26 -36.99 -4.69
C GLY C 59 1.56 -36.93 -5.47
N VAL C 60 2.02 -35.71 -5.76
CA VAL C 60 3.18 -35.50 -6.62
C VAL C 60 4.47 -35.95 -5.94
N PRO C 61 5.20 -36.88 -6.59
CA PRO C 61 6.48 -37.40 -6.12
C PRO C 61 7.55 -36.32 -6.09
N ASP C 62 8.55 -36.47 -5.23
CA ASP C 62 9.61 -35.48 -5.11
C ASP C 62 10.55 -35.45 -6.31
N ARG C 63 10.29 -36.32 -7.28
CA ARG C 63 11.02 -36.31 -8.54
C ARG C 63 10.75 -34.98 -9.26
N PHE C 64 9.53 -34.49 -9.07
CA PHE C 64 9.13 -33.22 -9.64
C PHE C 64 9.50 -32.10 -8.70
N THR C 65 10.39 -31.23 -9.15
CA THR C 65 10.80 -30.09 -8.34
C THR C 65 10.61 -28.79 -9.09
N GLY C 66 9.88 -27.86 -8.47
CA GLY C 66 9.68 -26.54 -9.01
C GLY C 66 10.67 -25.59 -8.38
N SER C 67 10.93 -24.47 -9.04
CA SER C 67 11.86 -23.47 -8.53
C SER C 67 11.72 -22.19 -9.34
N GLY C 68 12.44 -21.15 -8.92
CA GLY C 68 12.47 -19.90 -9.65
C GLY C 68 11.74 -18.76 -8.98
N SER C 69 12.17 -17.55 -9.29
CA SER C 69 11.56 -16.34 -8.75
C SER C 69 11.84 -15.16 -9.68
N GLY C 70 11.14 -14.05 -9.45
CA GLY C 70 11.26 -12.90 -10.30
C GLY C 70 10.54 -13.13 -11.61
N THR C 71 11.27 -13.65 -12.61
CA THR C 71 10.71 -13.82 -13.93
C THR C 71 10.95 -15.21 -14.53
N ASP C 72 11.91 -15.94 -13.96
CA ASP C 72 12.30 -17.24 -14.53
C ASP C 72 12.08 -18.39 -13.56
N PHE C 73 11.37 -19.41 -14.05
CA PHE C 73 11.00 -20.57 -13.22
C PHE C 73 11.32 -21.86 -13.94
N THR C 74 11.93 -22.82 -13.24
CA THR C 74 12.29 -24.08 -13.88
C THR C 74 11.64 -25.27 -13.20
N LEU C 75 10.88 -26.02 -13.98
CA LEU C 75 10.34 -27.29 -13.50
C LEU C 75 11.34 -28.39 -13.79
N THR C 76 11.81 -29.06 -12.75
CA THR C 76 12.82 -30.10 -12.91
C THR C 76 12.28 -31.48 -12.54
N ILE C 77 12.27 -32.38 -13.50
CA ILE C 77 11.84 -33.75 -13.26
C ILE C 77 13.04 -34.68 -13.22
N SER C 78 13.26 -35.31 -12.07
CA SER C 78 14.35 -36.25 -11.88
C SER C 78 13.82 -37.68 -11.97
N ASN C 79 14.72 -38.64 -12.21
CA ASN C 79 14.37 -40.06 -12.37
C ASN C 79 13.12 -40.24 -13.22
N ILE C 80 13.19 -39.74 -14.45
CA ILE C 80 12.05 -39.74 -15.35
C ILE C 80 11.60 -41.17 -15.69
N GLN C 81 10.31 -41.41 -15.57
CA GLN C 81 9.73 -42.71 -15.91
C GLN C 81 8.95 -42.62 -17.21
N SER C 82 8.51 -43.77 -17.71
CA SER C 82 7.71 -43.82 -18.93
C SER C 82 6.44 -42.99 -18.77
N GLU C 83 5.70 -43.23 -17.68
CA GLU C 83 4.43 -42.57 -17.45
C GLU C 83 4.54 -41.06 -17.31
N ASP C 84 5.76 -40.54 -17.31
CA ASP C 84 5.98 -39.11 -17.13
C ASP C 84 5.72 -38.32 -18.42
N LEU C 85 5.62 -39.01 -19.54
CA LEU C 85 5.38 -38.34 -20.82
C LEU C 85 4.05 -37.61 -20.82
N ALA C 86 4.11 -36.33 -21.15
CA ALA C 86 2.92 -35.48 -21.12
C ALA C 86 3.28 -34.13 -21.70
N ASP C 87 2.33 -33.21 -21.62
CA ASP C 87 2.64 -31.81 -21.85
C ASP C 87 2.77 -31.15 -20.50
N TYR C 88 3.77 -30.28 -20.36
CA TYR C 88 3.95 -29.54 -19.12
C TYR C 88 3.78 -28.05 -19.38
N PHE C 89 2.91 -27.45 -18.56
CA PHE C 89 2.56 -26.04 -18.70
C PHE C 89 2.98 -25.27 -17.48
N CYS C 90 3.37 -24.01 -17.66
CA CYS C 90 3.51 -23.11 -16.53
C CYS C 90 2.29 -22.20 -16.49
N GLN C 91 2.15 -21.45 -15.40
CA GLN C 91 1.01 -20.53 -15.27
C GLN C 91 1.22 -19.51 -14.16
N GLN C 92 1.32 -18.23 -14.51
CA GLN C 92 1.36 -17.20 -13.48
C GLN C 92 -0.05 -16.91 -12.99
N TYR C 93 -0.19 -16.62 -11.70
CA TYR C 93 -1.46 -16.17 -11.16
C TYR C 93 -1.24 -14.94 -10.29
N ASN C 94 -0.26 -14.14 -10.68
CA ASN C 94 0.00 -12.87 -10.03
C ASN C 94 -1.03 -11.86 -10.48
N SER C 95 -1.18 -11.77 -11.80
CA SER C 95 -2.24 -10.98 -12.41
C SER C 95 -3.20 -11.96 -13.08
N TYR C 96 -3.95 -11.47 -14.07
CA TYR C 96 -4.83 -12.32 -14.86
C TYR C 96 -4.08 -13.56 -15.35
N PRO C 97 -4.55 -14.75 -14.95
CA PRO C 97 -3.94 -16.04 -15.28
C PRO C 97 -3.51 -16.16 -16.74
N THR C 98 -2.29 -16.59 -16.96
CA THR C 98 -1.80 -16.91 -18.29
C THR C 98 -0.97 -18.19 -18.23
N PHE C 99 -1.08 -19.01 -19.26
CA PHE C 99 -0.36 -20.28 -19.30
C PHE C 99 0.82 -20.21 -20.24
N GLY C 100 1.72 -21.17 -20.13
CA GLY C 100 2.83 -21.25 -21.06
C GLY C 100 2.34 -21.88 -22.34
N GLY C 101 3.20 -21.87 -23.36
CA GLY C 101 2.85 -22.47 -24.64
C GLY C 101 2.72 -23.98 -24.54
N GLY C 102 3.43 -24.56 -23.58
CA GLY C 102 3.44 -25.99 -23.38
C GLY C 102 4.73 -26.61 -23.82
N THR C 103 5.14 -27.67 -23.14
CA THR C 103 6.36 -28.38 -23.52
C THR C 103 6.11 -29.88 -23.46
N LYS C 104 6.16 -30.54 -24.61
CA LYS C 104 5.94 -31.99 -24.65
C LYS C 104 7.20 -32.73 -24.24
N LEU C 105 7.07 -33.65 -23.30
CA LEU C 105 8.19 -34.49 -22.90
C LEU C 105 8.15 -35.83 -23.65
N GLU C 106 9.11 -36.01 -24.54
CA GLU C 106 9.26 -37.27 -25.26
C GLU C 106 10.26 -38.17 -24.56
N ILE C 107 10.06 -39.48 -24.64
CA ILE C 107 10.98 -40.43 -24.02
C ILE C 107 11.74 -41.19 -25.10
N LYS C 108 13.05 -41.32 -24.94
CA LYS C 108 13.82 -42.09 -25.90
C LYS C 108 14.30 -43.39 -25.27
N ARG C 109 14.34 -44.44 -26.08
CA ARG C 109 14.70 -45.77 -25.60
C ARG C 109 15.29 -46.65 -26.71
N ALA C 110 15.07 -47.96 -26.57
CA ALA C 110 15.58 -48.94 -27.53
C ALA C 110 14.77 -48.93 -28.81
N ASP C 111 15.32 -49.52 -29.87
CA ASP C 111 14.63 -49.63 -31.14
C ASP C 111 13.86 -50.96 -31.17
N ALA C 112 12.55 -50.89 -31.37
CA ALA C 112 11.71 -52.07 -31.32
C ALA C 112 10.94 -52.30 -32.64
N ALA C 113 10.65 -53.55 -32.92
CA ALA C 113 9.98 -53.94 -34.15
C ALA C 113 8.47 -53.76 -34.04
N PRO C 114 7.83 -53.29 -35.12
CA PRO C 114 6.38 -53.15 -35.20
C PRO C 114 5.69 -54.51 -35.21
N THR C 115 4.57 -54.62 -34.49
CA THR C 115 3.80 -55.86 -34.48
C THR C 115 2.65 -55.77 -35.47
N VAL C 116 2.96 -56.04 -36.74
CA VAL C 116 2.01 -55.84 -37.82
C VAL C 116 0.88 -56.86 -37.75
N SER C 117 -0.34 -56.39 -38.01
CA SER C 117 -1.53 -57.24 -38.02
C SER C 117 -2.49 -56.74 -39.09
N ILE C 118 -3.05 -57.66 -39.86
CA ILE C 118 -3.89 -57.27 -41.00
C ILE C 118 -5.24 -57.96 -40.92
N PHE C 119 -6.30 -57.22 -41.25
CA PHE C 119 -7.65 -57.79 -41.23
C PHE C 119 -8.47 -57.32 -42.43
N PRO C 120 -9.13 -58.27 -43.09
CA PRO C 120 -10.12 -58.06 -44.16
C PRO C 120 -11.33 -57.28 -43.63
N PRO C 121 -12.10 -56.68 -44.54
CA PRO C 121 -13.33 -55.98 -44.14
C PRO C 121 -14.33 -56.93 -43.49
N SER C 122 -14.99 -56.45 -42.45
CA SER C 122 -15.99 -57.25 -41.74
C SER C 122 -17.12 -57.63 -42.67
N SER C 123 -17.79 -58.74 -42.36
CA SER C 123 -18.92 -59.20 -43.13
C SER C 123 -20.06 -58.18 -43.02
N GLU C 124 -20.12 -57.48 -41.90
CA GLU C 124 -21.15 -56.47 -41.67
C GLU C 124 -20.96 -55.27 -42.59
N GLN C 125 -19.70 -54.99 -42.92
CA GLN C 125 -19.39 -53.82 -43.73
C GLN C 125 -19.68 -54.05 -45.21
N LEU C 126 -19.24 -55.20 -45.72
CA LEU C 126 -19.46 -55.57 -47.12
C LEU C 126 -20.93 -55.57 -47.49
N THR C 127 -21.79 -55.84 -46.50
CA THR C 127 -23.23 -55.84 -46.71
C THR C 127 -23.74 -54.44 -47.01
N SER C 128 -22.88 -53.44 -46.81
CA SER C 128 -23.24 -52.05 -47.07
C SER C 128 -22.42 -51.45 -48.22
N GLY C 129 -21.80 -52.32 -49.02
CA GLY C 129 -21.04 -51.87 -50.19
C GLY C 129 -19.69 -51.28 -49.86
N GLY C 130 -19.37 -51.23 -48.58
CA GLY C 130 -18.10 -50.70 -48.13
C GLY C 130 -17.13 -51.80 -47.76
N ALA C 131 -15.84 -51.55 -47.94
CA ALA C 131 -14.82 -52.55 -47.66
C ALA C 131 -13.49 -51.92 -47.28
N SER C 132 -13.21 -51.86 -45.98
CA SER C 132 -11.93 -51.32 -45.51
C SER C 132 -11.04 -52.39 -44.92
N VAL C 133 -9.82 -52.48 -45.44
CA VAL C 133 -8.80 -53.38 -44.93
C VAL C 133 -7.96 -52.65 -43.88
N VAL C 134 -7.78 -53.25 -42.72
CA VAL C 134 -7.06 -52.56 -41.65
C VAL C 134 -5.69 -53.17 -41.34
N CYS C 135 -4.67 -52.32 -41.25
CA CYS C 135 -3.32 -52.75 -40.95
C CYS C 135 -2.76 -52.05 -39.72
N PHE C 136 -2.68 -52.78 -38.61
CA PHE C 136 -2.07 -52.28 -37.39
C PHE C 136 -0.55 -52.51 -37.35
N LEU C 137 0.13 -51.61 -36.67
CA LEU C 137 1.56 -51.74 -36.46
C LEU C 137 1.84 -51.32 -35.02
N ASN C 138 1.76 -52.26 -34.09
CA ASN C 138 1.79 -51.93 -32.68
C ASN C 138 3.18 -51.94 -32.04
N ASN C 139 3.46 -50.85 -31.31
CA ASN C 139 4.62 -50.78 -30.42
C ASN C 139 5.98 -50.93 -31.10
N PHE C 140 6.28 -50.03 -32.03
CA PHE C 140 7.60 -49.98 -32.63
C PHE C 140 8.38 -48.76 -32.14
N TYR C 141 9.65 -48.68 -32.52
CA TYR C 141 10.49 -47.54 -32.16
C TYR C 141 11.70 -47.45 -33.09
N PRO C 142 11.99 -46.25 -33.64
CA PRO C 142 11.36 -44.95 -33.42
C PRO C 142 10.00 -44.75 -34.11
N LYS C 143 9.54 -43.50 -34.15
CA LYS C 143 8.22 -43.16 -34.66
C LYS C 143 8.13 -43.30 -36.18
N ASP C 144 9.14 -42.81 -36.89
CA ASP C 144 9.12 -42.80 -38.35
C ASP C 144 9.04 -44.20 -38.93
N ILE C 145 8.07 -44.41 -39.82
CA ILE C 145 7.76 -45.74 -40.34
C ILE C 145 6.96 -45.65 -41.64
N ASN C 146 7.31 -46.47 -42.61
CA ASN C 146 6.68 -46.42 -43.93
C ASN C 146 5.90 -47.69 -44.25
N VAL C 147 4.62 -47.54 -44.55
CA VAL C 147 3.76 -48.69 -44.84
C VAL C 147 3.16 -48.59 -46.25
N LYS C 148 3.32 -49.65 -47.03
CA LYS C 148 2.88 -49.67 -48.43
C LYS C 148 1.84 -50.74 -48.71
N TRP C 149 0.67 -50.31 -49.18
CA TRP C 149 -0.40 -51.26 -49.50
C TRP C 149 -0.21 -51.91 -50.87
N LYS C 150 -0.15 -53.24 -50.89
CA LYS C 150 -0.04 -53.99 -52.13
C LYS C 150 -1.28 -54.83 -52.39
N ILE C 151 -1.96 -54.54 -53.50
CA ILE C 151 -3.04 -55.39 -53.97
C ILE C 151 -2.57 -56.12 -55.22
N ASP C 152 -2.49 -57.45 -55.11
CA ASP C 152 -1.92 -58.31 -56.16
C ASP C 152 -0.61 -57.75 -56.70
N GLY C 153 0.34 -57.51 -55.78
CA GLY C 153 1.65 -57.02 -56.15
C GLY C 153 1.72 -55.51 -56.33
N SER C 154 0.73 -54.96 -57.02
CA SER C 154 0.72 -53.54 -57.38
C SER C 154 0.31 -52.62 -56.24
N GLU C 155 1.12 -51.60 -56.00
CA GLU C 155 0.90 -50.65 -54.92
C GLU C 155 -0.39 -49.86 -55.11
N ARG C 156 -0.96 -49.39 -54.00
CA ARG C 156 -2.16 -48.55 -54.01
C ARG C 156 -2.00 -47.39 -53.04
N GLN C 157 -1.90 -46.18 -53.58
CA GLN C 157 -1.60 -45.03 -52.74
C GLN C 157 -2.85 -44.26 -52.33
N ASN C 158 -3.96 -44.53 -52.98
CA ASN C 158 -5.20 -43.81 -52.67
C ASN C 158 -6.23 -44.63 -51.91
N GLY C 159 -6.95 -43.96 -51.01
CA GLY C 159 -7.96 -44.62 -50.20
C GLY C 159 -7.39 -45.06 -48.86
N VAL C 160 -6.24 -44.50 -48.50
CA VAL C 160 -5.55 -44.91 -47.28
C VAL C 160 -5.59 -43.81 -46.21
N LEU C 161 -5.78 -44.22 -44.96
CA LEU C 161 -5.79 -43.30 -43.83
C LEU C 161 -4.85 -43.78 -42.73
N ASN C 162 -3.90 -42.92 -42.34
CA ASN C 162 -2.90 -43.27 -41.34
C ASN C 162 -3.01 -42.46 -40.07
N SER C 163 -2.98 -43.15 -38.93
CA SER C 163 -3.12 -42.50 -37.63
C SER C 163 -2.10 -43.04 -36.63
N TRP C 164 -1.31 -42.16 -36.02
CA TRP C 164 -0.34 -42.59 -35.03
C TRP C 164 -0.84 -42.26 -33.62
N THR C 165 -0.73 -43.23 -32.71
CA THR C 165 -1.01 -42.96 -31.31
C THR C 165 0.15 -42.16 -30.73
N ASP C 166 -0.07 -41.57 -29.56
CA ASP C 166 1.01 -40.91 -28.84
C ASP C 166 1.94 -41.98 -28.26
N GLN C 167 3.04 -41.54 -27.67
CA GLN C 167 3.98 -42.47 -27.04
C GLN C 167 3.35 -43.10 -25.81
N ASP C 168 3.43 -44.42 -25.71
CA ASP C 168 2.73 -45.17 -24.67
C ASP C 168 3.28 -44.92 -23.26
N SER C 169 2.42 -45.08 -22.25
CA SER C 169 2.81 -44.77 -20.88
C SER C 169 3.57 -45.89 -20.20
N LYS C 170 3.69 -47.03 -20.87
CA LYS C 170 4.43 -48.15 -20.32
C LYS C 170 5.70 -48.42 -21.11
N ASP C 171 5.55 -48.93 -22.32
CA ASP C 171 6.69 -49.27 -23.17
C ASP C 171 7.28 -48.04 -23.85
N SER C 172 6.52 -46.95 -23.85
CA SER C 172 6.93 -45.70 -24.52
C SER C 172 7.25 -45.91 -26.00
N THR C 173 6.46 -46.76 -26.66
CA THR C 173 6.64 -47.01 -28.08
C THR C 173 5.48 -46.42 -28.89
N TYR C 174 5.51 -46.64 -30.21
CA TYR C 174 4.51 -46.07 -31.09
C TYR C 174 3.73 -47.13 -31.84
N SER C 175 2.41 -47.15 -31.62
CA SER C 175 1.52 -48.00 -32.38
C SER C 175 0.84 -47.12 -33.43
N MET C 176 0.99 -47.48 -34.71
CA MET C 176 0.35 -46.72 -35.77
C MET C 176 -0.63 -47.59 -36.55
N SER C 177 -1.56 -46.94 -37.25
CA SER C 177 -2.64 -47.62 -37.93
C SER C 177 -2.83 -47.14 -39.35
N SER C 178 -3.06 -48.08 -40.26
CA SER C 178 -3.34 -47.78 -41.66
C SER C 178 -4.66 -48.43 -42.04
N THR C 179 -5.40 -47.80 -42.94
CA THR C 179 -6.75 -48.26 -43.28
C THR C 179 -7.10 -48.03 -44.75
N LEU C 180 -6.92 -49.07 -45.57
CA LEU C 180 -7.22 -49.00 -46.99
C LEU C 180 -8.72 -49.15 -47.26
N THR C 181 -9.39 -48.04 -47.57
CA THR C 181 -10.82 -48.08 -47.81
C THR C 181 -11.15 -48.20 -49.30
N LEU C 182 -11.97 -49.19 -49.63
CA LEU C 182 -12.33 -49.50 -51.00
C LEU C 182 -13.79 -49.89 -51.13
N THR C 183 -14.30 -49.84 -52.36
CA THR C 183 -15.67 -50.26 -52.64
C THR C 183 -15.73 -51.79 -52.65
N LYS C 184 -16.89 -52.33 -52.29
CA LYS C 184 -17.10 -53.78 -52.29
C LYS C 184 -16.75 -54.38 -53.65
N ASP C 185 -17.22 -53.72 -54.70
CA ASP C 185 -16.92 -54.12 -56.07
C ASP C 185 -15.42 -54.18 -56.32
N GLU C 186 -14.75 -53.04 -56.15
CA GLU C 186 -13.31 -52.94 -56.39
C GLU C 186 -12.53 -53.92 -55.54
N TYR C 187 -12.96 -54.11 -54.30
CA TYR C 187 -12.32 -55.04 -53.39
C TYR C 187 -12.41 -56.46 -53.91
N GLU C 188 -13.59 -56.83 -54.40
CA GLU C 188 -13.83 -58.21 -54.81
C GLU C 188 -13.14 -58.58 -56.13
N ARG C 189 -12.60 -57.58 -56.83
CA ARG C 189 -11.93 -57.82 -58.11
C ARG C 189 -10.51 -58.36 -57.94
N HIS C 190 -10.03 -58.44 -56.70
CA HIS C 190 -8.70 -58.95 -56.44
C HIS C 190 -8.73 -60.04 -55.37
N ASN C 191 -7.59 -60.70 -55.17
CA ASN C 191 -7.50 -61.82 -54.24
C ASN C 191 -6.51 -61.57 -53.10
N SER C 192 -5.28 -61.22 -53.46
CA SER C 192 -4.23 -60.96 -52.48
C SER C 192 -4.31 -59.55 -51.91
N TYR C 193 -3.99 -59.41 -50.62
CA TYR C 193 -3.94 -58.10 -49.98
C TYR C 193 -2.80 -58.08 -48.97
N THR C 194 -2.00 -57.02 -49.00
CA THR C 194 -0.72 -56.98 -48.28
C THR C 194 -0.35 -55.59 -47.75
N CYS C 195 0.28 -55.53 -46.58
CA CYS C 195 0.89 -54.26 -46.15
C CYS C 195 2.38 -54.42 -45.83
N GLU C 196 3.18 -53.53 -46.40
CA GLU C 196 4.64 -53.58 -46.33
C GLU C 196 5.20 -52.55 -45.36
N ALA C 197 5.64 -53.00 -44.19
CA ALA C 197 6.16 -52.11 -43.17
C ALA C 197 7.68 -52.06 -43.13
N THR C 198 8.25 -51.01 -43.69
CA THR C 198 9.70 -50.78 -43.60
C THR C 198 10.03 -50.05 -42.31
N HIS C 199 11.16 -50.40 -41.71
CA HIS C 199 11.57 -49.80 -40.44
C HIS C 199 13.08 -49.90 -40.23
N LYS C 200 13.59 -49.17 -39.25
CA LYS C 200 15.02 -49.15 -38.97
C LYS C 200 15.51 -50.46 -38.36
N THR C 201 14.58 -51.21 -37.77
CA THR C 201 14.93 -52.46 -37.09
C THR C 201 15.01 -53.66 -38.04
N SER C 202 14.87 -53.40 -39.34
CA SER C 202 14.90 -54.47 -40.33
C SER C 202 15.25 -53.94 -41.71
N THR C 203 16.22 -54.58 -42.37
CA THR C 203 16.65 -54.17 -43.69
C THR C 203 15.63 -54.57 -44.75
N SER C 204 14.85 -55.60 -44.45
CA SER C 204 13.79 -56.03 -45.34
C SER C 204 12.43 -55.76 -44.69
N PRO C 205 11.47 -55.24 -45.48
CA PRO C 205 10.16 -54.82 -44.97
C PRO C 205 9.37 -55.97 -44.36
N ILE C 206 8.86 -55.75 -43.15
CA ILE C 206 7.98 -56.71 -42.49
C ILE C 206 6.68 -56.77 -43.26
N VAL C 207 6.32 -57.97 -43.73
CA VAL C 207 5.20 -58.11 -44.65
C VAL C 207 4.10 -59.05 -44.14
N LYS C 208 2.88 -58.55 -44.09
CA LYS C 208 1.74 -59.37 -43.72
C LYS C 208 0.66 -59.29 -44.80
N SER C 209 -0.01 -60.42 -45.03
CA SER C 209 -0.94 -60.55 -46.14
C SER C 209 -2.10 -61.52 -45.88
N PHE C 210 -3.06 -61.55 -46.81
CA PHE C 210 -4.13 -62.54 -46.80
C PHE C 210 -4.78 -62.65 -48.19
N ASN C 211 -5.46 -63.76 -48.44
CA ASN C 211 -6.08 -64.00 -49.74
C ASN C 211 -7.59 -64.20 -49.67
N ARG C 212 -8.11 -64.95 -50.65
CA ARG C 212 -9.54 -65.26 -50.71
C ARG C 212 -9.78 -66.66 -51.30
#